data_7VVO
#
_entry.id   7VVO
#
_cell.length_a   1.00
_cell.length_b   1.00
_cell.length_c   1.00
_cell.angle_alpha   90.00
_cell.angle_beta   90.00
_cell.angle_gamma   90.00
#
_symmetry.space_group_name_H-M   'P 1'
#
loop_
_entity.id
_entity.type
_entity.pdbx_description
1 polymer 'Guanine nucleotide-binding protein G(s) subunit alpha isoforms short'
2 polymer 'Guanine nucleotide-binding protein G(I)/G(S)/G(T) subunit beta-1'
3 polymer 'Guanine nucleotide-binding protein G(I)/G(S)/G(O) subunit gamma-2'
4 polymer 'nanobody Nb35'
5 polymer 'Parathyroid hormone'
6 polymer 'Parathyroid hormone/parathyroid hormone-related peptide receptor'
#
loop_
_entity_poly.entity_id
_entity_poly.type
_entity_poly.pdbx_seq_one_letter_code
_entity_poly.pdbx_strand_id
1 'polypeptide(L)'
;GNSKTEDQRNEEKAQREANKKIEKQLQKDKQVYRATHRLLLLGADNSGKSTIVKQMRIYHVNGFNGEGGEEDPQAARSNS
DGEKATKVQDIKNNLKEAIETIVAAMSNLVPPVELANPENQFRVDYILSVMNVPDFDFPPEFYEHAKALWEDEGVRACYE
RSNEYQLIDCAQYFLDKIDVIKQADYVPSDQDLLRCRVLTSGIFETKFQVDKVNFHMFDVGGQRDERRKWIQCFNDVTAI
IFVVDSSDYNRLQEALNLFKSIWNNRWLRTISVILFLNKQDLLAEKVLAGKSKIEDYFPEFARYTTPEDATPEPGEDPRV
TRAKYFIRDEFLRISTASGDGRHYCYPHFTCAVDTENARRIFNDCRDIIQRMHLRQYELL
;
A
2 'polypeptide(L)'
;MHHHHHHGSLLQSELDQLRQEAEQLKNQIRDARKACADATLSQITNNIDPVGRIQMRTRRTLRGHLAKIYAMHWGTDSRL
LVSASQDGKLIIWDSYTTNKVHAIPLRSSWVMTCAYAPSGNYVACGGLDNICSIYNLKTREGNVRVSRELAGHTGYLSCC
RFLDDNQIVTSSGDTTCALWDIETGQQTTTFTGHTGDVMSLSLAPDTRLFVSGACDASAKLWDVREGMCRQTFTGHESDI
NAICFFPNGNAFATGSDDATCRLFDLRADQELMTYSHDNIICGITSVSFSKSGRLLLAGYDDFNCNVWDALKADRAGVLA
GHDNRVSCLGVTDDGMAVATGSWDSFLKIWN
;
B
3 'polypeptide(L)' MASNNTASIAQARKLVEQLKMEANIDRIKVSKAAADLMAYCEAHAKEDPLLTPVPASENPFREKKFFS G
4 'polypeptide(L)'
;MGQVQLQESGGGLVQPGGSLRLSCAASGFTFSNYKMNWVRQAPGKGLEWVSDISQSGASISYTGSVKGRFTISRDNAKNT
LYLQMNSLKPEDTAVYYCARCPAPFTRDCFDVTSTTYAYRGQGTQVTVSSLHHHHHH
;
N
5 'polypeptide(L)' SVSEIQLMHNLGKHLNSMERVEWLRKKLQDVHNF P
6 'polypeptide(L)'
;DYKDDDDKDADDVMTKEEQIFLLHRAQAQCEKRLKEVLQRPASIMESDKGWTSASTSGKPRKDKASGKLYPESEEDKEAP
TGSRYRGRPCLPEWDHILCWPLGAPGEVVAVPCPDYIYDFNHKGHAYRRCDRNGSWELVPGHNRTWANYSECVKFLTNET
REREVFDRLGMIYTVGYSVSLASLTVAVLILAYFRRLHCTRNYIHMHLFLSFMLRAVSIFVKDAVLYSGATLDEAERLTE
EELRAIAQAPPPPATAAAGYAGCRVAVTFFLYFLATNYYWILVEGLYLHSLIFMAFFSEKKYLWGFTVFGWGLPAVFVAV
WVSVRATLANTGCWDLSSGNKKWIIQVPILASIVLNFILFINIVRVLATKLRETNAGRCDTRQQYRKLLKSTLVLMPLFG
VHYIVFMATPYTEVSGTLWQVQMHYEMLFNSFQGFFVAIIYCFCNGEVQAEIKKSWSRWTLALDFKRKARSGS
;
R
#
# COMPACT_ATOMS: atom_id res chain seq x y z
N GLN A 8 -33.49 25.60 11.30
CA GLN A 8 -34.34 24.80 12.24
C GLN A 8 -33.69 23.42 12.45
N ARG A 9 -33.98 22.76 13.57
CA ARG A 9 -33.38 21.46 13.92
C ARG A 9 -33.90 20.35 13.02
N ASN A 10 -35.08 20.51 12.42
CA ASN A 10 -35.77 19.46 11.61
C ASN A 10 -34.89 19.03 10.43
N GLU A 11 -34.26 20.00 9.76
CA GLU A 11 -33.44 19.78 8.54
C GLU A 11 -32.26 18.86 8.87
N GLU A 12 -31.62 19.00 10.04
CA GLU A 12 -30.37 18.27 10.36
C GLU A 12 -30.67 16.79 10.59
N LYS A 13 -31.91 16.43 10.96
CA LYS A 13 -32.37 15.02 10.93
C LYS A 13 -32.57 14.58 9.47
N ALA A 14 -33.14 15.44 8.63
CA ALA A 14 -33.45 15.13 7.21
C ALA A 14 -32.15 14.80 6.46
N GLN A 15 -31.11 15.61 6.63
CA GLN A 15 -29.75 15.33 6.09
C GLN A 15 -29.16 14.08 6.76
N ARG A 16 -29.36 13.92 8.08
CA ARG A 16 -28.90 12.72 8.86
C ARG A 16 -29.60 11.46 8.35
N GLU A 17 -30.89 11.56 8.03
CA GLU A 17 -31.71 10.48 7.42
C GLU A 17 -31.23 10.25 5.98
N ALA A 18 -30.84 11.31 5.27
CA ALA A 18 -30.29 11.24 3.90
C ALA A 18 -28.99 10.44 3.90
N ASN A 19 -28.21 10.54 4.97
CA ASN A 19 -26.92 9.81 5.08
C ASN A 19 -27.22 8.33 5.21
N LYS A 20 -28.31 7.95 5.87
CA LYS A 20 -28.66 6.53 6.07
C LYS A 20 -28.91 5.87 4.71
N LYS A 21 -29.61 6.55 3.80
CA LYS A 21 -29.87 6.01 2.44
C LYS A 21 -28.57 6.04 1.61
N ILE A 22 -27.74 7.08 1.76
CA ILE A 22 -26.38 7.18 1.14
C ILE A 22 -25.56 5.98 1.62
N GLU A 23 -25.49 5.77 2.93
CA GLU A 23 -24.54 4.82 3.55
C GLU A 23 -24.94 3.40 3.18
N LYS A 24 -26.23 3.08 3.11
CA LYS A 24 -26.69 1.74 2.69
C LYS A 24 -26.25 1.47 1.25
N GLN A 25 -26.28 2.47 0.37
CA GLN A 25 -25.84 2.32 -1.05
C GLN A 25 -24.33 2.13 -1.10
N LEU A 26 -23.54 2.87 -0.31
CA LEU A 26 -22.07 2.66 -0.19
C LEU A 26 -21.74 1.21 0.20
N GLN A 27 -22.49 0.64 1.15
CA GLN A 27 -22.25 -0.74 1.64
C GLN A 27 -22.50 -1.73 0.50
N LYS A 28 -23.49 -1.47 -0.35
CA LYS A 28 -23.79 -2.30 -1.55
C LYS A 28 -22.60 -2.23 -2.52
N ASP A 29 -22.05 -1.03 -2.71
CA ASP A 29 -20.92 -0.74 -3.63
C ASP A 29 -19.64 -1.36 -3.05
N LYS A 30 -19.54 -1.47 -1.73
CA LYS A 30 -18.35 -2.04 -1.04
C LYS A 30 -18.17 -3.50 -1.47
N GLN A 31 -19.25 -4.28 -1.57
CA GLN A 31 -19.16 -5.72 -1.92
C GLN A 31 -18.66 -5.83 -3.36
N VAL A 32 -19.25 -5.05 -4.27
CA VAL A 32 -18.97 -5.13 -5.73
C VAL A 32 -17.53 -4.67 -5.99
N TYR A 33 -17.04 -3.67 -5.25
CA TYR A 33 -15.67 -3.13 -5.35
C TYR A 33 -14.65 -4.24 -5.06
N ARG A 34 -14.84 -4.96 -3.96
CA ARG A 34 -13.88 -6.02 -3.52
C ARG A 34 -13.98 -7.24 -4.43
N ALA A 35 -15.18 -7.54 -4.96
CA ALA A 35 -15.45 -8.69 -5.86
C ALA A 35 -14.67 -8.55 -7.17
N THR A 36 -14.65 -7.35 -7.74
CA THR A 36 -13.91 -7.02 -8.98
C THR A 36 -12.41 -6.99 -8.68
N HIS A 37 -11.61 -7.55 -9.57
CA HIS A 37 -10.13 -7.48 -9.53
C HIS A 37 -9.68 -6.47 -10.59
N ARG A 38 -8.86 -5.50 -10.20
CA ARG A 38 -8.26 -4.52 -11.12
C ARG A 38 -7.00 -5.13 -11.74
N LEU A 39 -6.81 -4.94 -13.03
CA LEU A 39 -5.59 -5.37 -13.77
C LEU A 39 -5.18 -4.23 -14.71
N LEU A 40 -3.93 -3.80 -14.60
CA LEU A 40 -3.24 -2.97 -15.61
C LEU A 40 -2.63 -3.85 -16.71
N LEU A 41 -3.11 -3.71 -17.94
CA LEU A 41 -2.51 -4.34 -19.13
C LEU A 41 -1.46 -3.39 -19.72
N LEU A 42 -0.18 -3.75 -19.62
CA LEU A 42 0.95 -3.01 -20.26
C LEU A 42 1.59 -3.83 -21.38
N GLY A 43 2.37 -3.14 -22.22
CA GLY A 43 3.15 -3.68 -23.35
C GLY A 43 3.48 -2.59 -24.37
N ALA A 44 3.20 -2.86 -25.65
CA ALA A 44 3.59 -2.02 -26.81
C ALA A 44 2.59 -2.23 -27.96
N ASP A 45 2.75 -1.47 -29.04
CA ASP A 45 1.82 -1.52 -30.20
C ASP A 45 1.93 -2.89 -30.88
N ASN A 46 3.15 -3.44 -30.94
CA ASN A 46 3.49 -4.71 -31.65
C ASN A 46 3.44 -5.90 -30.69
N SER A 47 3.06 -5.70 -29.42
CA SER A 47 3.05 -6.73 -28.35
C SER A 47 1.82 -7.64 -28.37
N GLY A 48 0.78 -7.31 -29.15
CA GLY A 48 -0.48 -8.07 -29.25
C GLY A 48 -1.27 -8.07 -27.93
N LYS A 49 -1.31 -6.92 -27.25
CA LYS A 49 -2.12 -6.70 -26.02
C LYS A 49 -3.61 -6.93 -26.33
N SER A 50 -4.10 -6.31 -27.39
CA SER A 50 -5.53 -6.40 -27.81
C SER A 50 -5.89 -7.80 -28.30
N THR A 51 -4.93 -8.56 -28.81
CA THR A 51 -5.19 -9.90 -29.40
C THR A 51 -5.65 -10.83 -28.27
N ILE A 52 -4.99 -10.76 -27.12
CA ILE A 52 -5.32 -11.56 -25.89
C ILE A 52 -6.74 -11.20 -25.44
N VAL A 53 -7.09 -9.91 -25.47
CA VAL A 53 -8.37 -9.34 -24.95
C VAL A 53 -9.52 -9.96 -25.73
N LYS A 54 -9.34 -10.24 -27.02
CA LYS A 54 -10.41 -10.76 -27.90
C LYS A 54 -10.86 -12.14 -27.39
N GLN A 55 -9.95 -12.93 -26.81
CA GLN A 55 -10.24 -14.32 -26.35
C GLN A 55 -11.22 -14.29 -25.18
N MET A 56 -11.07 -13.35 -24.25
CA MET A 56 -11.98 -13.13 -23.10
C MET A 56 -13.15 -12.24 -23.53
N ARG A 57 -14.09 -12.79 -24.30
CA ARG A 57 -15.33 -12.11 -24.76
C ARG A 57 -16.36 -12.00 -23.62
N ILE A 58 -16.18 -12.78 -22.53
CA ILE A 58 -17.10 -12.84 -21.37
C ILE A 58 -16.94 -11.54 -20.57
N GLY A 202 -9.65 7.84 -23.69
CA GLY A 202 -8.55 6.96 -24.14
C GLY A 202 -8.19 5.92 -23.10
N ILE A 203 -9.16 5.06 -22.76
CA ILE A 203 -8.97 3.83 -21.95
C ILE A 203 -9.76 2.70 -22.61
N PHE A 204 -9.38 1.46 -22.33
CA PHE A 204 -10.11 0.25 -22.78
C PHE A 204 -10.18 -0.68 -21.58
N GLU A 205 -11.37 -0.82 -20.98
CA GLU A 205 -11.58 -1.83 -19.90
C GLU A 205 -12.12 -3.09 -20.55
N THR A 206 -11.75 -4.23 -19.99
CA THR A 206 -12.32 -5.54 -20.37
C THR A 206 -12.71 -6.29 -19.10
N LYS A 207 -14.00 -6.50 -18.91
CA LYS A 207 -14.53 -7.39 -17.86
C LYS A 207 -14.71 -8.78 -18.48
N PHE A 208 -14.20 -9.79 -17.79
CA PHE A 208 -14.47 -11.21 -18.10
C PHE A 208 -14.76 -11.94 -16.80
N GLN A 209 -15.81 -12.76 -16.82
CA GLN A 209 -16.30 -13.54 -15.67
C GLN A 209 -15.66 -14.92 -15.75
N VAL A 210 -14.90 -15.31 -14.72
CA VAL A 210 -14.36 -16.70 -14.60
C VAL A 210 -14.73 -17.22 -13.21
N ASP A 211 -15.53 -18.29 -13.17
CA ASP A 211 -15.96 -19.01 -11.94
C ASP A 211 -16.62 -18.01 -10.99
N LYS A 212 -17.51 -17.15 -11.52
CA LYS A 212 -18.22 -16.12 -10.73
C LYS A 212 -17.21 -15.23 -9.98
N VAL A 213 -16.08 -14.92 -10.62
CA VAL A 213 -15.10 -13.89 -10.15
C VAL A 213 -14.88 -12.88 -11.27
N ASN A 214 -15.40 -11.67 -11.12
CA ASN A 214 -15.31 -10.61 -12.15
C ASN A 214 -13.94 -9.95 -12.04
N PHE A 215 -13.31 -9.75 -13.19
CA PHE A 215 -12.04 -9.01 -13.37
C PHE A 215 -12.32 -7.72 -14.14
N HIS A 216 -11.39 -6.78 -14.00
CA HIS A 216 -11.40 -5.48 -14.70
C HIS A 216 -10.01 -5.25 -15.27
N MET A 217 -9.78 -5.74 -16.48
CA MET A 217 -8.50 -5.55 -17.18
C MET A 217 -8.55 -4.19 -17.88
N PHE A 218 -7.69 -3.28 -17.43
CA PHE A 218 -7.61 -1.87 -17.89
C PHE A 218 -6.43 -1.75 -18.85
N ASP A 219 -6.69 -1.59 -20.14
CA ASP A 219 -5.67 -1.20 -21.15
C ASP A 219 -5.57 0.33 -21.12
N VAL A 220 -4.39 0.89 -21.30
CA VAL A 220 -4.18 2.37 -21.37
C VAL A 220 -3.46 2.67 -22.68
N GLY A 221 -4.23 2.99 -23.73
CA GLY A 221 -3.72 3.12 -25.11
C GLY A 221 -3.64 4.57 -25.56
N GLY A 222 -4.69 5.33 -25.28
CA GLY A 222 -4.87 6.70 -25.80
C GLY A 222 -3.78 7.65 -25.32
N GLN A 223 -3.28 7.50 -24.09
CA GLN A 223 -2.43 8.53 -23.44
C GLN A 223 -1.04 8.51 -24.05
N ARG A 224 -0.25 9.56 -23.79
CA ARG A 224 1.11 9.73 -24.33
C ARG A 224 2.05 8.71 -23.70
N ASP A 225 3.21 8.50 -24.34
CA ASP A 225 4.25 7.53 -23.91
C ASP A 225 4.84 7.92 -22.54
N GLU A 226 4.82 9.20 -22.16
CA GLU A 226 5.30 9.64 -20.82
C GLU A 226 4.34 9.09 -19.74
N ARG A 227 4.80 8.08 -18.99
CA ARG A 227 3.96 7.28 -18.07
C ARG A 227 4.60 7.27 -16.68
N ARG A 228 5.34 8.31 -16.29
CA ARG A 228 5.98 8.37 -14.95
C ARG A 228 4.97 8.92 -13.92
N LYS A 229 3.90 9.59 -14.35
CA LYS A 229 2.95 10.26 -13.44
C LYS A 229 1.57 9.60 -13.47
N TRP A 230 1.10 9.02 -14.58
CA TRP A 230 -0.25 8.39 -14.57
C TRP A 230 -0.19 6.95 -14.10
N ILE A 231 0.99 6.32 -14.11
CA ILE A 231 1.18 4.91 -13.67
C ILE A 231 0.97 4.81 -12.16
N GLN A 232 1.23 5.89 -11.44
CA GLN A 232 1.03 5.95 -9.98
C GLN A 232 -0.42 5.62 -9.63
N CYS A 233 -1.38 5.97 -10.48
CA CYS A 233 -2.82 5.73 -10.19
C CYS A 233 -3.14 4.23 -10.10
N PHE A 234 -2.36 3.35 -10.72
CA PHE A 234 -2.59 1.89 -10.68
C PHE A 234 -1.69 1.23 -9.62
N ASN A 235 -1.83 1.63 -8.34
CA ASN A 235 -1.05 1.05 -7.22
C ASN A 235 -1.97 0.23 -6.29
N ASP A 236 -3.29 0.42 -6.40
CA ASP A 236 -4.30 -0.40 -5.68
C ASP A 236 -4.59 -1.69 -6.46
N VAL A 237 -4.22 -1.75 -7.74
CA VAL A 237 -4.48 -2.91 -8.63
C VAL A 237 -3.84 -4.15 -8.02
N THR A 238 -4.49 -5.31 -8.14
CA THR A 238 -3.98 -6.62 -7.66
C THR A 238 -2.75 -7.03 -8.48
N ALA A 239 -2.78 -6.90 -9.80
CA ALA A 239 -1.77 -7.48 -10.70
C ALA A 239 -1.62 -6.67 -11.98
N ILE A 240 -0.37 -6.35 -12.36
CA ILE A 240 -0.03 -5.75 -13.67
C ILE A 240 0.14 -6.88 -14.68
N ILE A 241 -0.72 -6.96 -15.67
CA ILE A 241 -0.54 -7.88 -16.84
C ILE A 241 0.48 -7.20 -17.76
N PHE A 242 1.74 -7.61 -17.70
CA PHE A 242 2.82 -7.10 -18.58
C PHE A 242 2.98 -8.05 -19.77
N VAL A 243 2.51 -7.65 -20.94
CA VAL A 243 2.59 -8.47 -22.18
C VAL A 243 3.83 -7.98 -22.95
N VAL A 244 4.58 -8.90 -23.55
CA VAL A 244 5.77 -8.54 -24.37
C VAL A 244 5.75 -9.30 -25.68
N ASP A 245 6.31 -8.66 -26.70
CA ASP A 245 6.57 -9.29 -28.02
C ASP A 245 7.85 -10.12 -27.90
N SER A 246 7.69 -11.44 -27.89
CA SER A 246 8.77 -12.44 -27.77
C SER A 246 9.69 -12.39 -29.00
N SER A 247 9.10 -12.20 -30.19
CA SER A 247 9.83 -12.32 -31.49
C SER A 247 10.81 -11.14 -31.65
N ASP A 248 10.41 -9.92 -31.28
CA ASP A 248 11.16 -8.71 -31.72
C ASP A 248 12.36 -8.49 -30.80
N TYR A 249 13.54 -8.96 -31.19
CA TYR A 249 14.76 -8.94 -30.35
C TYR A 249 15.21 -7.50 -30.10
N ASN A 250 14.98 -6.60 -31.05
CA ASN A 250 15.36 -5.17 -30.97
C ASN A 250 14.72 -4.56 -29.73
N ARG A 251 13.41 -4.79 -29.55
CA ARG A 251 12.58 -4.10 -28.54
C ARG A 251 12.44 -4.90 -27.24
N LEU A 252 13.03 -6.10 -27.15
CA LEU A 252 12.99 -6.90 -25.89
C LEU A 252 13.72 -6.15 -24.79
N GLN A 253 14.86 -5.56 -25.09
CA GLN A 253 15.69 -4.85 -24.09
C GLN A 253 14.93 -3.62 -23.58
N GLU A 254 14.13 -2.96 -24.41
CA GLU A 254 13.27 -1.80 -24.01
C GLU A 254 12.21 -2.30 -23.02
N ALA A 255 11.64 -3.49 -23.28
CA ALA A 255 10.66 -4.19 -22.41
C ALA A 255 11.32 -4.53 -21.08
N LEU A 256 12.60 -4.93 -21.08
CA LEU A 256 13.36 -5.20 -19.84
C LEU A 256 13.46 -3.89 -19.03
N ASN A 257 13.75 -2.76 -19.67
CA ASN A 257 13.85 -1.47 -18.94
C ASN A 257 12.47 -1.12 -18.38
N LEU A 258 11.39 -1.33 -19.16
CA LEU A 258 10.03 -0.92 -18.74
C LEU A 258 9.63 -1.78 -17.53
N PHE A 259 9.96 -3.07 -17.56
CA PHE A 259 9.73 -4.00 -16.43
C PHE A 259 10.54 -3.54 -15.22
N LYS A 260 11.82 -3.21 -15.44
CA LYS A 260 12.71 -2.73 -14.37
C LYS A 260 12.23 -1.39 -13.83
N SER A 261 11.63 -0.55 -14.68
CA SER A 261 11.08 0.77 -14.27
C SER A 261 9.87 0.60 -13.33
N ILE A 262 9.17 -0.52 -13.42
CA ILE A 262 7.95 -0.85 -12.63
C ILE A 262 8.38 -1.49 -11.33
N TRP A 263 9.30 -2.46 -11.40
CA TRP A 263 9.66 -3.33 -10.26
C TRP A 263 10.16 -2.46 -9.13
N ASN A 264 10.98 -1.45 -9.43
CA ASN A 264 11.71 -0.69 -8.41
C ASN A 264 10.97 0.61 -8.05
N ASN A 265 9.79 0.84 -8.59
CA ASN A 265 9.05 2.11 -8.31
C ASN A 265 8.53 2.08 -6.87
N ARG A 266 8.52 3.23 -6.22
CA ARG A 266 8.09 3.34 -4.81
C ARG A 266 6.63 2.91 -4.68
N TRP A 267 5.78 3.36 -5.60
CA TRP A 267 4.32 3.14 -5.51
C TRP A 267 3.94 1.79 -6.11
N LEU A 268 4.75 1.24 -7.00
CA LEU A 268 4.40 -0.04 -7.68
C LEU A 268 5.18 -1.20 -7.06
N ARG A 269 5.82 -1.00 -5.91
CA ARG A 269 6.69 -2.05 -5.34
C ARG A 269 5.81 -3.16 -4.76
N THR A 270 4.59 -2.86 -4.39
CA THR A 270 3.73 -3.84 -3.71
C THR A 270 2.97 -4.68 -4.74
N ILE A 271 2.98 -4.31 -6.03
CA ILE A 271 2.07 -4.91 -7.05
C ILE A 271 2.85 -5.94 -7.84
N SER A 272 2.33 -7.16 -7.87
CA SER A 272 2.93 -8.33 -8.56
C SER A 272 2.66 -8.20 -10.05
N VAL A 273 3.59 -8.66 -10.87
CA VAL A 273 3.56 -8.50 -12.34
C VAL A 273 3.33 -9.87 -12.94
N ILE A 274 2.21 -10.09 -13.62
CA ILE A 274 1.99 -11.32 -14.43
C ILE A 274 2.59 -11.11 -15.82
N LEU A 275 3.82 -11.55 -16.09
CA LEU A 275 4.42 -11.48 -17.44
C LEU A 275 3.76 -12.48 -18.39
N PHE A 276 3.36 -12.01 -19.56
CA PHE A 276 2.84 -12.84 -20.66
C PHE A 276 3.80 -12.67 -21.84
N LEU A 277 4.60 -13.71 -22.10
CA LEU A 277 5.41 -13.82 -23.33
C LEU A 277 4.47 -14.12 -24.51
N ASN A 278 3.98 -13.07 -25.18
CA ASN A 278 2.99 -13.22 -26.26
C ASN A 278 3.66 -13.62 -27.58
N LYS A 279 2.87 -14.16 -28.51
CA LYS A 279 3.24 -14.58 -29.88
C LYS A 279 4.54 -15.38 -29.82
N GLN A 280 4.49 -16.45 -29.02
CA GLN A 280 5.64 -17.37 -28.81
C GLN A 280 5.88 -18.17 -30.08
N ASP A 281 4.80 -18.53 -30.78
CA ASP A 281 4.83 -19.30 -32.05
C ASP A 281 5.66 -18.54 -33.10
N LEU A 282 5.53 -17.22 -33.16
CA LEU A 282 6.28 -16.36 -34.14
C LEU A 282 7.77 -16.33 -33.76
N LEU A 283 8.10 -16.34 -32.47
CA LEU A 283 9.51 -16.33 -31.98
C LEU A 283 10.20 -17.60 -32.44
N ALA A 284 9.55 -18.75 -32.25
CA ALA A 284 10.08 -20.07 -32.62
C ALA A 284 10.43 -20.10 -34.10
N GLU A 285 9.58 -19.54 -34.97
CA GLU A 285 9.74 -19.67 -36.43
C GLU A 285 10.93 -18.84 -36.89
N LYS A 286 11.15 -17.67 -36.29
CA LYS A 286 12.26 -16.77 -36.67
C LYS A 286 13.61 -17.34 -36.20
N VAL A 287 13.64 -18.05 -35.07
CA VAL A 287 14.89 -18.68 -34.54
C VAL A 287 15.40 -19.71 -35.55
N LEU A 288 14.51 -20.53 -36.11
CA LEU A 288 14.87 -21.61 -37.07
C LEU A 288 15.50 -21.04 -38.34
N ALA A 289 15.20 -19.80 -38.72
CA ALA A 289 15.83 -19.10 -39.87
C ALA A 289 17.35 -19.00 -39.64
N GLY A 290 17.78 -18.63 -38.43
CA GLY A 290 19.20 -18.59 -38.01
C GLY A 290 19.91 -17.28 -38.32
N LYS A 291 19.35 -16.46 -39.22
CA LYS A 291 19.94 -15.15 -39.63
C LYS A 291 19.78 -14.13 -38.50
N SER A 292 18.62 -14.15 -37.84
CA SER A 292 18.31 -13.35 -36.63
C SER A 292 18.77 -14.10 -35.37
N LYS A 293 19.88 -13.67 -34.78
CA LYS A 293 20.51 -14.32 -33.62
C LYS A 293 20.34 -13.41 -32.41
N ILE A 294 20.04 -13.99 -31.25
CA ILE A 294 19.84 -13.24 -29.98
C ILE A 294 21.22 -12.76 -29.52
N GLU A 295 22.27 -13.49 -29.89
CA GLU A 295 23.68 -13.20 -29.57
C GLU A 295 24.08 -11.79 -29.98
N ASP A 296 23.52 -11.28 -31.07
CA ASP A 296 23.81 -9.90 -31.53
C ASP A 296 23.33 -8.90 -30.48
N TYR A 297 22.17 -9.13 -29.86
CA TYR A 297 21.52 -8.20 -28.91
C TYR A 297 21.97 -8.52 -27.47
N PHE A 298 22.37 -9.76 -27.20
CA PHE A 298 22.74 -10.23 -25.84
C PHE A 298 23.82 -11.31 -25.99
N PRO A 299 25.12 -10.95 -26.00
CA PRO A 299 26.20 -11.94 -26.08
C PRO A 299 26.19 -13.00 -24.97
N GLU A 300 25.52 -12.73 -23.84
CA GLU A 300 25.38 -13.64 -22.68
C GLU A 300 24.59 -14.90 -23.07
N PHE A 301 23.80 -14.82 -24.14
CA PHE A 301 22.99 -15.94 -24.65
C PHE A 301 23.86 -17.14 -25.04
N ALA A 302 25.08 -16.90 -25.51
CA ALA A 302 25.98 -17.96 -26.03
C ALA A 302 26.23 -19.04 -24.96
N ARG A 303 26.42 -18.63 -23.71
CA ARG A 303 26.79 -19.53 -22.59
C ARG A 303 25.60 -19.76 -21.66
N TYR A 304 24.38 -19.78 -22.21
CA TYR A 304 23.14 -20.06 -21.47
C TYR A 304 22.56 -21.37 -21.97
N THR A 305 22.43 -22.35 -21.08
CA THR A 305 21.77 -23.65 -21.32
C THR A 305 20.35 -23.56 -20.80
N THR A 306 19.50 -24.48 -21.26
CA THR A 306 18.11 -24.63 -20.78
C THR A 306 18.15 -24.91 -19.28
N PRO A 307 17.23 -24.33 -18.47
CA PRO A 307 17.12 -24.70 -17.07
C PRO A 307 16.54 -26.13 -16.94
N GLU A 308 16.91 -26.81 -15.85
CA GLU A 308 16.49 -28.20 -15.55
C GLU A 308 14.96 -28.26 -15.39
N ASP A 309 14.37 -27.24 -14.75
CA ASP A 309 12.90 -27.13 -14.52
C ASP A 309 12.23 -26.56 -15.79
N ALA A 310 12.39 -27.28 -16.90
CA ALA A 310 11.79 -26.98 -18.22
C ALA A 310 10.80 -28.08 -18.56
N THR A 311 9.63 -27.70 -19.09
CA THR A 311 8.56 -28.60 -19.57
C THR A 311 8.21 -28.23 -21.01
N PRO A 312 9.12 -28.51 -21.98
CA PRO A 312 8.81 -28.27 -23.38
C PRO A 312 7.72 -29.22 -23.90
N GLU A 313 6.98 -28.76 -24.90
CA GLU A 313 5.95 -29.57 -25.58
C GLU A 313 6.66 -30.59 -26.47
N PRO A 314 6.06 -31.77 -26.73
CA PRO A 314 6.68 -32.77 -27.60
C PRO A 314 6.93 -32.25 -29.03
N GLY A 315 8.07 -32.63 -29.61
CA GLY A 315 8.45 -32.31 -31.00
C GLY A 315 8.87 -30.86 -31.17
N GLU A 316 9.51 -30.27 -30.15
CA GLU A 316 10.09 -28.90 -30.21
C GLU A 316 11.62 -28.99 -30.33
N ASP A 317 12.22 -28.07 -31.09
CA ASP A 317 13.68 -27.98 -31.29
C ASP A 317 14.32 -27.46 -30.01
N PRO A 318 15.43 -28.04 -29.51
CA PRO A 318 16.05 -27.55 -28.26
C PRO A 318 16.59 -26.11 -28.34
N ARG A 319 16.89 -25.64 -29.53
CA ARG A 319 17.45 -24.29 -29.80
C ARG A 319 16.43 -23.27 -29.34
N VAL A 320 15.14 -23.47 -29.65
CA VAL A 320 14.07 -22.47 -29.33
C VAL A 320 13.94 -22.37 -27.83
N THR A 321 14.00 -23.49 -27.10
CA THR A 321 13.80 -23.47 -25.63
C THR A 321 14.94 -22.68 -24.98
N ARG A 322 16.18 -22.83 -25.45
CA ARG A 322 17.29 -21.99 -24.93
C ARG A 322 16.92 -20.51 -25.08
N ALA A 323 16.45 -20.08 -26.26
CA ALA A 323 16.01 -18.70 -26.56
C ALA A 323 14.82 -18.35 -25.67
N LYS A 324 13.84 -19.25 -25.63
CA LYS A 324 12.51 -19.03 -24.99
C LYS A 324 12.73 -18.84 -23.49
N TYR A 325 13.58 -19.67 -22.89
CA TYR A 325 13.81 -19.69 -21.43
C TYR A 325 14.88 -18.66 -21.05
N PHE A 326 15.61 -18.11 -22.02
CA PHE A 326 16.61 -17.05 -21.75
C PHE A 326 15.89 -15.73 -21.53
N ILE A 327 14.96 -15.41 -22.44
CA ILE A 327 14.21 -14.13 -22.42
C ILE A 327 13.37 -14.08 -21.15
N ARG A 328 12.73 -15.19 -20.77
CA ARG A 328 12.05 -15.26 -19.46
C ARG A 328 13.10 -14.97 -18.39
N ASP A 329 14.12 -15.80 -18.35
CA ASP A 329 15.13 -15.74 -17.28
C ASP A 329 15.69 -14.30 -17.16
N GLU A 330 15.84 -13.60 -18.27
CA GLU A 330 16.34 -12.21 -18.33
C GLU A 330 15.42 -11.27 -17.53
N PHE A 331 14.10 -11.45 -17.66
CA PHE A 331 13.09 -10.69 -16.90
C PHE A 331 13.18 -11.04 -15.43
N LEU A 332 13.28 -12.35 -15.13
CA LEU A 332 13.26 -12.88 -13.74
C LEU A 332 14.54 -12.48 -13.02
N ARG A 333 15.62 -12.18 -13.75
CA ARG A 333 16.90 -11.73 -13.15
C ARG A 333 16.68 -10.40 -12.44
N ILE A 334 15.90 -9.50 -13.02
CA ILE A 334 15.53 -8.19 -12.39
C ILE A 334 14.62 -8.47 -11.19
N SER A 335 13.63 -9.35 -11.37
CA SER A 335 12.52 -9.57 -10.40
C SER A 335 13.13 -10.08 -9.09
N THR A 336 13.99 -11.09 -9.19
CA THR A 336 14.59 -11.77 -8.01
C THR A 336 15.63 -10.88 -7.32
N ALA A 337 16.30 -10.00 -8.07
CA ALA A 337 17.45 -9.20 -7.57
C ALA A 337 16.96 -8.01 -6.73
N SER A 338 15.67 -7.67 -6.80
CA SER A 338 15.09 -6.42 -6.25
C SER A 338 13.70 -6.63 -5.62
N GLY A 339 13.21 -7.86 -5.47
CA GLY A 339 11.85 -8.16 -4.97
C GLY A 339 11.87 -9.26 -3.94
N ASP A 340 11.43 -8.97 -2.73
CA ASP A 340 11.63 -9.86 -1.54
C ASP A 340 10.35 -9.82 -0.71
N GLY A 341 9.37 -10.66 -1.06
CA GLY A 341 8.15 -10.87 -0.27
C GLY A 341 7.01 -9.97 -0.70
N ARG A 342 7.32 -8.79 -1.20
CA ARG A 342 6.31 -7.72 -1.40
C ARG A 342 5.62 -7.93 -2.73
N HIS A 343 6.31 -8.48 -3.74
CA HIS A 343 5.73 -8.72 -5.07
C HIS A 343 6.58 -9.70 -5.85
N TYR A 344 5.93 -10.50 -6.69
CA TYR A 344 6.56 -11.62 -7.43
C TYR A 344 6.14 -11.56 -8.89
N CYS A 345 7.08 -11.86 -9.79
CA CYS A 345 6.83 -12.01 -11.23
C CYS A 345 6.27 -13.39 -11.53
N TYR A 346 5.28 -13.46 -12.41
CA TYR A 346 4.63 -14.72 -12.86
C TYR A 346 4.82 -14.83 -14.38
N PRO A 347 5.98 -15.33 -14.86
CA PRO A 347 6.20 -15.52 -16.30
C PRO A 347 5.34 -16.65 -16.87
N HIS A 348 4.89 -16.43 -18.10
CA HIS A 348 3.99 -17.34 -18.85
C HIS A 348 4.32 -17.27 -20.35
N PHE A 349 4.33 -18.42 -21.01
CA PHE A 349 4.29 -18.56 -22.48
C PHE A 349 2.83 -18.46 -22.90
N THR A 350 2.59 -17.81 -24.03
CA THR A 350 1.26 -17.76 -24.67
C THR A 350 1.42 -17.50 -26.16
N CYS A 351 0.42 -17.91 -26.92
CA CYS A 351 0.34 -17.75 -28.40
C CYS A 351 -1.09 -17.37 -28.78
N ALA A 352 -1.30 -17.09 -30.07
CA ALA A 352 -2.59 -16.64 -30.66
C ALA A 352 -3.60 -17.80 -30.63
N VAL A 353 -3.15 -19.03 -30.89
CA VAL A 353 -4.03 -20.24 -30.97
C VAL A 353 -4.49 -20.68 -29.56
N ASP A 354 -3.99 -20.06 -28.48
CA ASP A 354 -4.33 -20.46 -27.09
C ASP A 354 -5.81 -20.15 -26.83
N THR A 355 -6.54 -21.14 -26.29
CA THR A 355 -7.97 -21.07 -25.87
C THR A 355 -7.98 -20.88 -24.35
N GLU A 356 -7.17 -19.94 -23.87
CA GLU A 356 -6.65 -19.91 -22.47
C GLU A 356 -6.48 -18.45 -22.07
N ASN A 357 -5.73 -18.22 -20.98
CA ASN A 357 -5.27 -16.90 -20.49
C ASN A 357 -6.36 -16.25 -19.64
N ALA A 358 -7.52 -16.89 -19.49
CA ALA A 358 -8.60 -16.49 -18.54
C ALA A 358 -8.47 -17.31 -17.26
N ARG A 359 -8.17 -18.61 -17.39
CA ARG A 359 -7.84 -19.53 -16.27
C ARG A 359 -6.43 -19.23 -15.74
N ARG A 360 -5.46 -19.03 -16.63
CA ARG A 360 -4.02 -18.92 -16.27
C ARG A 360 -3.82 -17.65 -15.44
N ILE A 361 -4.50 -16.58 -15.82
CA ILE A 361 -4.55 -15.30 -15.05
C ILE A 361 -5.21 -15.54 -13.69
N PHE A 362 -6.31 -16.30 -13.67
CA PHE A 362 -7.11 -16.59 -12.46
C PHE A 362 -6.23 -17.32 -11.43
N ASN A 363 -5.45 -18.31 -11.88
CA ASN A 363 -4.55 -19.07 -10.99
C ASN A 363 -3.45 -18.15 -10.45
N ASP A 364 -2.93 -17.20 -11.23
CA ASP A 364 -1.81 -16.32 -10.80
C ASP A 364 -2.33 -15.29 -9.82
N CYS A 365 -3.51 -14.72 -10.07
CA CYS A 365 -4.17 -13.75 -9.16
C CYS A 365 -4.58 -14.45 -7.85
N ARG A 366 -5.01 -15.71 -7.90
CA ARG A 366 -5.31 -16.54 -6.70
C ARG A 366 -4.06 -16.58 -5.81
N ASP A 367 -2.89 -16.84 -6.39
CA ASP A 367 -1.61 -16.92 -5.62
C ASP A 367 -1.27 -15.54 -5.04
N ILE A 368 -1.60 -14.45 -5.73
CA ILE A 368 -1.22 -13.08 -5.25
C ILE A 368 -2.02 -12.81 -3.98
N ILE A 369 -3.33 -13.08 -4.00
CA ILE A 369 -4.25 -12.82 -2.87
C ILE A 369 -3.94 -13.79 -1.72
N GLN A 370 -3.68 -15.06 -2.02
CA GLN A 370 -3.28 -16.05 -0.99
C GLN A 370 -1.99 -15.59 -0.30
N ARG A 371 -1.00 -15.17 -1.05
CA ARG A 371 0.30 -14.77 -0.48
C ARG A 371 0.13 -13.55 0.40
N MET A 372 -0.84 -12.68 0.10
CA MET A 372 -1.11 -11.48 0.91
C MET A 372 -1.50 -11.90 2.33
N HIS A 373 -2.37 -12.90 2.47
CA HIS A 373 -2.78 -13.47 3.78
C HIS A 373 -1.52 -13.97 4.47
N LEU A 374 -0.84 -14.92 3.84
CA LEU A 374 0.28 -15.65 4.47
C LEU A 374 1.28 -14.60 4.95
N ARG A 375 1.57 -13.59 4.15
CA ARG A 375 2.63 -12.63 4.50
C ARG A 375 2.17 -11.74 5.67
N GLN A 376 0.86 -11.66 5.96
CA GLN A 376 0.36 -10.81 7.08
C GLN A 376 0.97 -11.33 8.39
N TYR A 377 0.77 -12.61 8.72
CA TYR A 377 1.34 -13.21 9.94
C TYR A 377 2.63 -13.95 9.60
N GLU A 378 3.58 -13.22 9.01
CA GLU A 378 5.02 -13.56 9.01
C GLU A 378 5.18 -15.05 8.69
N LEU A 379 4.70 -15.47 7.54
CA LEU A 379 4.76 -16.89 7.11
C LEU A 379 5.63 -17.01 5.87
N LEU A 380 6.08 -15.86 5.34
CA LEU A 380 7.00 -15.74 4.19
C LEU A 380 7.89 -14.53 4.45
N GLU B 14 20.68 28.37 -40.02
CA GLU B 14 19.55 29.23 -39.53
C GLU B 14 19.09 28.75 -38.14
N LEU B 15 18.90 27.43 -37.96
CA LEU B 15 18.47 26.83 -36.66
C LEU B 15 19.56 27.11 -35.62
N ASP B 16 20.83 26.91 -35.98
CA ASP B 16 22.03 27.17 -35.13
C ASP B 16 22.06 28.64 -34.71
N GLN B 17 21.82 29.57 -35.65
CA GLN B 17 21.77 31.04 -35.39
C GLN B 17 20.67 31.38 -34.37
N LEU B 18 19.48 30.77 -34.51
CA LEU B 18 18.34 30.99 -33.58
C LEU B 18 18.68 30.42 -32.19
N ARG B 19 19.37 29.28 -32.11
CA ARG B 19 19.86 28.68 -30.84
C ARG B 19 20.84 29.64 -30.17
N GLN B 20 21.76 30.22 -30.95
CA GLN B 20 22.77 31.21 -30.48
C GLN B 20 22.06 32.46 -29.95
N GLU B 21 21.03 32.95 -30.67
CA GLU B 21 20.17 34.09 -30.26
C GLU B 21 19.42 33.74 -28.96
N ALA B 22 18.94 32.49 -28.83
CA ALA B 22 18.25 31.98 -27.63
C ALA B 22 19.23 32.01 -26.44
N GLU B 23 20.46 31.53 -26.63
CA GLU B 23 21.53 31.55 -25.59
C GLU B 23 21.84 33.00 -25.20
N GLN B 24 21.91 33.90 -26.18
CA GLN B 24 22.20 35.35 -25.99
C GLN B 24 21.07 36.00 -25.19
N LEU B 25 19.84 35.52 -25.35
CA LEU B 25 18.64 36.11 -24.73
C LEU B 25 18.38 35.42 -23.40
N LYS B 26 18.59 34.10 -23.30
CA LYS B 26 18.37 33.30 -22.06
C LYS B 26 19.31 33.80 -20.95
N ASN B 27 20.58 34.02 -21.27
CA ASN B 27 21.57 34.58 -20.31
C ASN B 27 21.22 36.05 -20.01
N GLN B 28 20.78 36.81 -21.01
CA GLN B 28 20.30 38.22 -20.85
C GLN B 28 19.13 38.26 -19.87
N ILE B 29 18.21 37.31 -19.92
CA ILE B 29 17.07 37.20 -18.96
C ILE B 29 17.64 37.01 -17.54
N ARG B 30 18.59 36.10 -17.36
CA ARG B 30 19.22 35.82 -16.05
C ARG B 30 20.04 37.06 -15.62
N ASP B 31 20.69 37.72 -16.57
CA ASP B 31 21.49 38.95 -16.31
C ASP B 31 20.59 40.04 -15.73
N ALA B 32 19.36 40.17 -16.22
CA ALA B 32 18.39 41.18 -15.73
C ALA B 32 18.02 40.86 -14.29
N ARG B 33 17.80 39.58 -13.96
CA ARG B 33 17.46 39.16 -12.58
C ARG B 33 18.64 39.38 -11.63
N LYS B 34 19.88 39.15 -12.07
CA LYS B 34 21.08 39.34 -11.21
C LYS B 34 21.22 40.83 -10.84
N ALA B 35 20.90 41.75 -11.78
CA ALA B 35 20.85 43.22 -11.56
C ALA B 35 19.74 43.57 -10.56
N CYS B 36 18.58 42.91 -10.67
CA CYS B 36 17.42 43.07 -9.76
C CYS B 36 17.72 42.48 -8.37
N ALA B 37 18.41 41.33 -8.32
CA ALA B 37 18.76 40.60 -7.06
C ALA B 37 19.88 41.30 -6.31
N ASP B 38 19.57 42.42 -5.64
CA ASP B 38 20.54 43.20 -4.81
C ASP B 38 20.64 42.62 -3.40
N ALA B 39 19.72 41.74 -3.01
CA ALA B 39 19.76 40.95 -1.75
C ALA B 39 18.93 39.67 -1.91
N THR B 40 18.98 38.79 -0.92
CA THR B 40 18.09 37.60 -0.77
C THR B 40 17.23 37.75 0.49
N LEU B 41 16.10 37.03 0.50
CA LEU B 41 15.02 37.10 1.52
C LEU B 41 15.51 36.42 2.80
N SER B 42 16.65 35.73 2.78
CA SER B 42 17.25 35.06 3.96
C SER B 42 17.55 36.06 5.08
N GLN B 43 18.08 37.23 4.73
CA GLN B 43 18.58 38.26 5.71
C GLN B 43 17.65 39.46 5.76
N ILE B 44 16.64 39.54 4.89
CA ILE B 44 15.64 40.65 4.88
C ILE B 44 14.63 40.33 5.98
N THR B 45 14.26 39.05 6.15
CA THR B 45 13.19 38.61 7.08
C THR B 45 13.82 38.11 8.39
N ASN B 46 15.11 38.37 8.62
CA ASN B 46 15.81 37.96 9.87
C ASN B 46 15.24 38.74 11.06
N ASN B 47 14.85 40.00 10.84
CA ASN B 47 14.46 40.95 11.91
C ASN B 47 13.12 40.54 12.53
N ILE B 48 12.18 40.03 11.73
CA ILE B 48 10.79 39.70 12.21
C ILE B 48 10.88 38.52 13.19
N ASP B 49 10.08 38.58 14.26
CA ASP B 49 9.95 37.47 15.23
C ASP B 49 9.22 36.33 14.56
N PRO B 50 9.70 35.06 14.63
CA PRO B 50 8.91 33.89 14.24
C PRO B 50 7.62 33.70 15.05
N VAL B 51 6.54 33.28 14.38
CA VAL B 51 5.29 32.70 14.97
C VAL B 51 5.65 31.64 16.05
N GLY B 52 6.68 30.83 15.79
CA GLY B 52 7.09 29.73 16.67
C GLY B 52 6.36 28.48 16.28
N ARG B 53 5.98 27.65 17.25
CA ARG B 53 5.34 26.34 16.97
C ARG B 53 3.91 26.62 16.53
N ILE B 54 3.37 25.76 15.67
CA ILE B 54 1.91 25.71 15.41
C ILE B 54 1.36 24.42 16.00
N GLN B 55 0.46 24.58 16.98
CA GLN B 55 -0.33 23.49 17.60
C GLN B 55 -1.52 23.22 16.70
N MET B 56 -1.29 22.39 15.68
CA MET B 56 -2.31 21.99 14.69
C MET B 56 -2.68 20.54 14.96
N ARG B 57 -3.97 20.27 15.16
CA ARG B 57 -4.48 18.94 15.56
C ARG B 57 -5.69 18.63 14.70
N THR B 58 -5.93 17.35 14.43
CA THR B 58 -7.13 16.88 13.72
C THR B 58 -8.34 17.31 14.54
N ARG B 59 -9.38 17.78 13.86
CA ARG B 59 -10.64 18.17 14.51
C ARG B 59 -11.72 17.21 14.05
N ARG B 60 -11.88 17.01 12.74
CA ARG B 60 -13.10 16.35 12.23
C ARG B 60 -12.72 15.30 11.18
N THR B 61 -11.93 14.31 11.53
CA THR B 61 -11.54 13.19 10.62
C THR B 61 -12.74 12.58 9.87
N LEU B 62 -12.72 12.62 8.53
CA LEU B 62 -13.78 12.08 7.62
C LEU B 62 -13.45 10.62 7.34
N ARG B 63 -14.44 9.86 6.86
CA ARG B 63 -14.31 8.41 6.61
C ARG B 63 -15.49 7.96 5.74
N GLY B 64 -15.26 7.22 4.65
CA GLY B 64 -16.36 6.72 3.80
C GLY B 64 -15.94 6.35 2.37
N HIS B 65 -14.83 6.88 1.85
CA HIS B 65 -14.25 6.50 0.54
C HIS B 65 -13.72 5.07 0.60
N LEU B 66 -13.90 4.31 -0.47
CA LEU B 66 -13.53 2.86 -0.53
C LEU B 66 -12.04 2.76 -0.89
N ALA B 67 -11.61 3.41 -1.98
CA ALA B 67 -10.22 3.41 -2.48
C ALA B 67 -9.53 4.73 -2.16
N LYS B 68 -8.26 4.91 -2.54
CA LYS B 68 -7.45 6.12 -2.21
C LYS B 68 -8.13 7.34 -2.81
N ILE B 69 -8.20 8.44 -2.07
CA ILE B 69 -8.65 9.73 -2.64
C ILE B 69 -7.45 10.34 -3.31
N TYR B 70 -7.69 11.20 -4.28
CA TYR B 70 -6.63 11.82 -5.09
C TYR B 70 -6.72 13.33 -4.99
N ALA B 71 -7.92 13.86 -5.14
CA ALA B 71 -8.16 15.31 -4.99
C ALA B 71 -9.36 15.60 -4.11
N MET B 72 -9.40 16.82 -3.61
CA MET B 72 -10.53 17.42 -2.90
C MET B 72 -10.56 18.91 -3.24
N HIS B 73 -11.65 19.59 -2.96
CA HIS B 73 -11.77 21.05 -3.11
C HIS B 73 -12.85 21.59 -2.17
N TRP B 74 -12.57 22.71 -1.50
CA TRP B 74 -13.56 23.44 -0.68
C TRP B 74 -14.55 24.19 -1.60
N GLY B 75 -15.73 24.53 -1.09
CA GLY B 75 -16.59 25.62 -1.61
C GLY B 75 -16.25 27.00 -1.02
N THR B 76 -16.85 28.01 -1.63
CA THR B 76 -16.85 29.42 -1.15
C THR B 76 -17.52 29.52 0.23
N ASP B 77 -18.56 28.72 0.50
CA ASP B 77 -19.23 28.63 1.82
C ASP B 77 -18.30 28.06 2.91
N SER B 78 -17.24 27.35 2.54
CA SER B 78 -16.21 26.80 3.48
C SER B 78 -16.78 25.63 4.29
N ARG B 79 -17.83 25.00 3.77
CA ARG B 79 -18.63 24.00 4.51
C ARG B 79 -18.56 22.68 3.75
N LEU B 80 -19.07 22.70 2.52
CA LEU B 80 -19.13 21.49 1.67
C LEU B 80 -17.76 21.33 1.02
N LEU B 81 -17.25 20.11 0.99
CA LEU B 81 -16.00 19.77 0.28
C LEU B 81 -16.34 18.59 -0.63
N VAL B 82 -15.72 18.57 -1.79
CA VAL B 82 -15.80 17.47 -2.78
C VAL B 82 -14.60 16.58 -2.57
N SER B 83 -14.74 15.33 -2.95
CA SER B 83 -13.59 14.40 -2.95
C SER B 83 -13.78 13.42 -4.09
N ALA B 84 -12.68 13.13 -4.76
CA ALA B 84 -12.57 12.06 -5.76
C ALA B 84 -11.73 10.93 -5.17
N SER B 85 -12.16 9.70 -5.37
CA SER B 85 -11.32 8.51 -5.09
C SER B 85 -11.28 7.58 -6.29
N GLN B 86 -10.27 6.73 -6.37
CA GLN B 86 -10.03 5.96 -7.60
C GLN B 86 -10.78 4.65 -7.38
N ASP B 87 -12.10 4.76 -7.27
CA ASP B 87 -13.05 3.61 -7.25
C ASP B 87 -14.27 3.94 -8.11
N GLY B 88 -14.50 5.22 -8.44
CA GLY B 88 -15.67 5.72 -9.19
C GLY B 88 -16.68 6.41 -8.28
N LYS B 89 -16.26 6.93 -7.12
CA LYS B 89 -17.14 7.68 -6.19
C LYS B 89 -16.66 9.11 -6.08
N LEU B 90 -17.59 10.05 -6.13
CA LEU B 90 -17.36 11.46 -5.81
C LEU B 90 -18.37 11.90 -4.75
N ILE B 91 -18.01 11.76 -3.46
CA ILE B 91 -18.89 12.13 -2.34
C ILE B 91 -18.73 13.61 -2.03
N ILE B 92 -19.82 14.36 -1.92
CA ILE B 92 -19.81 15.77 -1.44
C ILE B 92 -20.13 15.75 0.05
N TRP B 93 -19.18 16.10 0.89
CA TRP B 93 -19.29 15.97 2.37
C TRP B 93 -19.82 17.28 2.94
N ASP B 94 -20.08 17.25 4.25
CA ASP B 94 -20.36 18.44 5.07
C ASP B 94 -19.36 18.47 6.22
N SER B 95 -18.48 19.46 6.23
CA SER B 95 -17.40 19.57 7.23
C SER B 95 -17.99 19.78 8.62
N TYR B 96 -19.02 20.62 8.71
CA TYR B 96 -19.67 21.00 9.99
C TYR B 96 -20.32 19.78 10.64
N THR B 97 -20.95 18.89 9.86
CA THR B 97 -21.77 17.77 10.37
C THR B 97 -21.16 16.42 10.02
N THR B 98 -20.04 16.36 9.32
CA THR B 98 -19.37 15.10 8.91
C THR B 98 -20.40 14.20 8.22
N ASN B 99 -21.10 14.69 7.19
CA ASN B 99 -22.19 13.95 6.50
C ASN B 99 -22.12 14.09 4.98
N LYS B 100 -22.72 13.13 4.28
CA LYS B 100 -22.68 12.99 2.80
C LYS B 100 -23.96 13.57 2.20
N VAL B 101 -23.87 14.72 1.53
CA VAL B 101 -25.03 15.31 0.80
C VAL B 101 -25.25 14.55 -0.49
N HIS B 102 -24.18 14.22 -1.22
CA HIS B 102 -24.27 13.43 -2.47
C HIS B 102 -23.12 12.44 -2.56
N ALA B 103 -23.34 11.34 -3.28
CA ALA B 103 -22.31 10.35 -3.64
C ALA B 103 -22.50 9.94 -5.10
N ILE B 104 -21.62 10.44 -5.97
CA ILE B 104 -21.81 10.46 -7.45
C ILE B 104 -21.00 9.31 -8.01
N PRO B 105 -21.64 8.26 -8.57
CA PRO B 105 -20.92 7.18 -9.25
C PRO B 105 -20.49 7.58 -10.66
N LEU B 106 -19.18 7.69 -10.90
CA LEU B 106 -18.59 8.18 -12.17
C LEU B 106 -18.62 7.03 -13.19
N ARG B 107 -18.56 7.35 -14.49
CA ARG B 107 -18.59 6.33 -15.56
C ARG B 107 -17.27 5.54 -15.49
N SER B 108 -16.15 6.27 -15.43
CA SER B 108 -14.78 5.72 -15.28
C SER B 108 -14.39 5.74 -13.80
N SER B 109 -13.87 4.61 -13.30
CA SER B 109 -13.35 4.45 -11.92
C SER B 109 -12.20 5.43 -11.64
N TRP B 110 -11.40 5.76 -12.65
CA TRP B 110 -10.13 6.53 -12.52
C TRP B 110 -10.46 8.00 -12.66
N VAL B 111 -10.20 8.76 -11.62
CA VAL B 111 -10.54 10.21 -11.56
C VAL B 111 -9.44 10.89 -10.77
N MET B 112 -8.76 11.82 -11.40
CA MET B 112 -7.55 12.42 -10.83
C MET B 112 -7.80 13.85 -10.39
N THR B 113 -9.02 14.34 -10.53
CA THR B 113 -9.32 15.77 -10.29
C THR B 113 -10.78 15.92 -9.87
N CYS B 114 -11.05 17.01 -9.15
CA CYS B 114 -12.41 17.46 -8.79
C CYS B 114 -12.35 18.92 -8.36
N ALA B 115 -13.41 19.67 -8.65
CA ALA B 115 -13.51 21.11 -8.40
C ALA B 115 -14.94 21.47 -8.04
N TYR B 116 -15.11 22.30 -7.03
CA TYR B 116 -16.39 22.89 -6.60
C TYR B 116 -16.49 24.29 -7.22
N ALA B 117 -17.61 24.60 -7.88
CA ALA B 117 -17.95 25.95 -8.42
C ALA B 117 -18.07 26.95 -7.27
N PRO B 118 -17.51 28.18 -7.40
CA PRO B 118 -17.80 29.26 -6.44
C PRO B 118 -19.28 29.52 -6.17
N SER B 119 -20.13 29.43 -7.19
CA SER B 119 -21.61 29.49 -7.08
C SER B 119 -22.18 28.22 -6.41
N GLY B 120 -21.48 27.09 -6.55
CA GLY B 120 -21.84 25.79 -5.93
C GLY B 120 -22.83 25.00 -6.78
N ASN B 121 -23.08 25.43 -8.01
CA ASN B 121 -24.13 24.83 -8.87
C ASN B 121 -23.61 23.50 -9.37
N TYR B 122 -22.37 23.51 -9.88
CA TYR B 122 -21.73 22.33 -10.52
C TYR B 122 -20.49 21.92 -9.76
N VAL B 123 -20.14 20.67 -10.01
CA VAL B 123 -18.88 20.04 -9.56
C VAL B 123 -18.30 19.25 -10.74
N ALA B 124 -17.00 19.49 -11.02
CA ALA B 124 -16.27 18.92 -12.17
C ALA B 124 -15.30 17.86 -11.64
N CYS B 125 -15.03 16.86 -12.47
CA CYS B 125 -14.04 15.80 -12.20
C CYS B 125 -13.69 15.09 -13.49
N GLY B 126 -12.53 14.45 -13.53
CA GLY B 126 -12.06 13.66 -14.69
C GLY B 126 -10.78 12.93 -14.37
N GLY B 127 -10.33 12.06 -15.28
CA GLY B 127 -9.09 11.29 -15.11
C GLY B 127 -8.66 10.69 -16.42
N LEU B 128 -8.46 9.38 -16.45
CA LEU B 128 -7.84 8.64 -17.58
C LEU B 128 -8.78 8.55 -18.80
N ASP B 129 -10.07 8.85 -18.62
CA ASP B 129 -11.07 8.95 -19.71
C ASP B 129 -10.85 10.18 -20.60
N ASN B 130 -10.04 11.15 -20.14
CA ASN B 130 -9.67 12.38 -20.89
C ASN B 130 -10.88 13.32 -20.97
N ILE B 131 -11.76 13.29 -19.96
CA ILE B 131 -13.03 14.06 -19.97
C ILE B 131 -13.21 14.69 -18.59
N CYS B 132 -13.31 16.03 -18.53
CA CYS B 132 -13.68 16.82 -17.33
C CYS B 132 -15.21 16.82 -17.20
N SER B 133 -15.77 15.68 -16.80
CA SER B 133 -17.22 15.42 -16.64
C SER B 133 -17.78 16.33 -15.54
N ILE B 134 -18.73 17.18 -15.91
CA ILE B 134 -19.26 18.22 -14.99
C ILE B 134 -20.64 17.75 -14.51
N TYR B 135 -20.85 17.82 -13.21
CA TYR B 135 -22.06 17.30 -12.54
C TYR B 135 -22.79 18.44 -11.85
N ASN B 136 -24.10 18.45 -12.05
CA ASN B 136 -25.02 19.46 -11.50
C ASN B 136 -25.62 18.92 -10.22
N LEU B 137 -25.43 19.64 -9.11
CA LEU B 137 -25.81 19.23 -7.74
C LEU B 137 -27.30 19.46 -7.54
N LYS B 138 -27.81 20.60 -8.02
CA LYS B 138 -29.20 21.05 -7.71
C LYS B 138 -30.14 20.67 -8.85
N THR B 139 -29.91 19.53 -9.51
CA THR B 139 -30.83 18.93 -10.51
C THR B 139 -32.19 18.67 -9.83
N ARG B 140 -33.28 19.07 -10.49
CA ARG B 140 -34.69 18.89 -10.03
C ARG B 140 -35.03 17.40 -9.87
N GLU B 141 -34.39 16.51 -10.64
CA GLU B 141 -34.54 15.02 -10.51
C GLU B 141 -33.89 14.53 -9.20
N GLY B 142 -34.14 13.27 -8.85
CA GLY B 142 -33.65 12.62 -7.62
C GLY B 142 -32.13 12.56 -7.60
N ASN B 143 -31.55 11.69 -8.42
CA ASN B 143 -30.08 11.49 -8.52
C ASN B 143 -29.46 12.61 -9.37
N VAL B 144 -28.17 12.86 -9.20
CA VAL B 144 -27.37 13.76 -10.09
C VAL B 144 -27.02 13.03 -11.39
N ARG B 145 -26.91 13.78 -12.49
CA ARG B 145 -26.47 13.21 -13.78
C ARG B 145 -25.35 14.07 -14.34
N VAL B 146 -24.57 13.48 -15.23
CA VAL B 146 -23.53 14.18 -16.02
C VAL B 146 -24.22 15.29 -16.81
N SER B 147 -23.95 16.54 -16.46
CA SER B 147 -24.46 17.77 -17.14
C SER B 147 -23.98 17.78 -18.61
N ARG B 148 -22.65 17.66 -18.80
CA ARG B 148 -22.00 17.63 -20.14
C ARG B 148 -20.64 16.93 -20.07
N GLU B 149 -20.43 16.01 -21.02
CA GLU B 149 -19.16 15.28 -21.29
C GLU B 149 -18.25 16.17 -22.14
N LEU B 150 -17.17 16.70 -21.55
CA LEU B 150 -16.17 17.53 -22.28
C LEU B 150 -15.03 16.66 -22.79
N ALA B 151 -15.23 15.93 -23.88
CA ALA B 151 -14.18 15.09 -24.53
C ALA B 151 -13.48 15.90 -25.62
N GLY B 152 -12.21 15.57 -25.90
CA GLY B 152 -11.39 16.26 -26.91
C GLY B 152 -9.90 16.13 -26.65
N HIS B 153 -9.47 16.17 -25.38
CA HIS B 153 -8.03 16.02 -25.01
C HIS B 153 -7.48 14.64 -25.40
N THR B 154 -6.22 14.61 -25.81
CA THR B 154 -5.55 13.38 -26.27
C THR B 154 -5.09 12.61 -25.03
N GLY B 155 -4.84 13.30 -23.91
CA GLY B 155 -4.18 12.74 -22.73
C GLY B 155 -5.05 12.86 -21.48
N TYR B 156 -4.65 12.21 -20.39
CA TYR B 156 -5.38 12.19 -19.10
C TYR B 156 -5.50 13.62 -18.58
N LEU B 157 -6.67 13.98 -18.03
CA LEU B 157 -6.93 15.28 -17.38
C LEU B 157 -6.47 15.24 -15.94
N SER B 158 -5.53 16.10 -15.58
CA SER B 158 -4.79 16.06 -14.29
C SER B 158 -5.42 17.01 -13.27
N CYS B 159 -5.92 18.15 -13.75
CA CYS B 159 -6.72 19.11 -12.96
C CYS B 159 -7.73 19.79 -13.87
N CYS B 160 -8.94 20.08 -13.37
CA CYS B 160 -9.84 21.11 -13.95
C CYS B 160 -10.44 21.96 -12.84
N ARG B 161 -10.52 23.28 -13.05
CA ARG B 161 -10.98 24.28 -12.04
C ARG B 161 -11.94 25.28 -12.70
N PHE B 162 -13.03 25.62 -12.03
CA PHE B 162 -14.01 26.61 -12.53
C PHE B 162 -13.42 28.01 -12.42
N LEU B 163 -13.43 28.72 -13.55
CA LEU B 163 -13.30 30.19 -13.58
C LEU B 163 -14.56 30.82 -12.97
N ASP B 164 -15.73 30.44 -13.51
CA ASP B 164 -17.07 30.99 -13.20
C ASP B 164 -18.06 29.83 -13.35
N ASP B 165 -19.36 30.09 -13.36
CA ASP B 165 -20.38 29.02 -13.47
C ASP B 165 -20.24 28.25 -14.79
N ASN B 166 -19.77 28.90 -15.87
CA ASN B 166 -19.77 28.29 -17.23
C ASN B 166 -18.34 28.04 -17.73
N GLN B 167 -17.40 28.92 -17.39
CA GLN B 167 -15.98 28.81 -17.84
C GLN B 167 -15.27 27.78 -16.97
N ILE B 168 -14.55 26.85 -17.59
CA ILE B 168 -13.76 25.76 -16.92
C ILE B 168 -12.37 25.73 -17.55
N VAL B 169 -11.33 25.78 -16.73
CA VAL B 169 -9.91 25.60 -17.16
C VAL B 169 -9.54 24.16 -16.81
N THR B 170 -8.77 23.52 -17.68
CA THR B 170 -8.39 22.09 -17.58
C THR B 170 -6.90 22.00 -17.81
N SER B 171 -6.25 21.07 -17.14
CA SER B 171 -4.87 20.62 -17.44
C SER B 171 -5.01 19.23 -18.02
N SER B 172 -3.98 18.76 -18.69
CA SER B 172 -4.00 17.41 -19.30
C SER B 172 -2.60 16.87 -19.38
N GLY B 173 -2.52 15.57 -19.68
CA GLY B 173 -1.27 14.85 -19.94
C GLY B 173 -0.78 14.98 -21.37
N ASP B 174 -1.43 15.79 -22.22
CA ASP B 174 -0.94 16.14 -23.58
C ASP B 174 -0.24 17.53 -23.59
N THR B 175 0.29 17.98 -22.44
CA THR B 175 1.11 19.20 -22.26
C THR B 175 0.28 20.44 -22.56
N THR B 176 -1.06 20.34 -22.53
CA THR B 176 -1.95 21.44 -22.97
C THR B 176 -2.97 21.73 -21.89
N CYS B 177 -3.12 23.00 -21.50
CA CYS B 177 -4.33 23.50 -20.82
C CYS B 177 -5.40 23.87 -21.86
N ALA B 178 -6.67 23.86 -21.47
CA ALA B 178 -7.82 24.22 -22.32
C ALA B 178 -8.96 24.78 -21.50
N LEU B 179 -9.50 25.92 -21.91
CA LEU B 179 -10.77 26.47 -21.38
C LEU B 179 -11.93 26.04 -22.27
N TRP B 180 -13.03 25.59 -21.68
CA TRP B 180 -14.19 25.05 -22.43
C TRP B 180 -15.41 25.93 -22.24
N ASP B 181 -16.39 25.80 -23.15
CA ASP B 181 -17.75 26.37 -23.06
C ASP B 181 -18.73 25.22 -22.97
N ILE B 182 -19.39 25.07 -21.82
CA ILE B 182 -20.09 23.82 -21.43
C ILE B 182 -21.42 23.79 -22.19
N GLU B 183 -21.98 24.96 -22.53
CA GLU B 183 -23.27 25.08 -23.25
C GLU B 183 -23.13 24.42 -24.62
N THR B 184 -22.12 24.81 -25.40
CA THR B 184 -21.89 24.33 -26.79
C THR B 184 -21.12 23.01 -26.74
N GLY B 185 -20.15 22.90 -25.82
CA GLY B 185 -19.39 21.66 -25.52
C GLY B 185 -18.09 21.56 -26.30
N GLN B 186 -17.46 22.69 -26.65
CA GLN B 186 -16.10 22.69 -27.28
C GLN B 186 -15.17 23.65 -26.55
N GLN B 187 -13.87 23.38 -26.67
CA GLN B 187 -12.84 24.20 -25.99
C GLN B 187 -12.65 25.48 -26.80
N THR B 188 -12.62 26.61 -26.10
CA THR B 188 -12.61 27.97 -26.70
C THR B 188 -11.16 28.32 -26.98
N THR B 189 -10.30 28.20 -25.96
CA THR B 189 -8.85 28.52 -26.05
C THR B 189 -8.04 27.33 -25.56
N THR B 190 -6.97 27.02 -26.28
CA THR B 190 -5.95 26.00 -25.92
C THR B 190 -4.68 26.73 -25.45
N PHE B 191 -3.98 26.14 -24.50
CA PHE B 191 -2.72 26.69 -23.94
C PHE B 191 -1.61 25.67 -24.19
N THR B 192 -0.79 25.97 -25.18
CA THR B 192 0.37 25.14 -25.63
C THR B 192 1.65 25.92 -25.36
N GLY B 193 2.76 25.21 -25.10
CA GLY B 193 4.01 25.79 -24.60
C GLY B 193 4.79 24.82 -23.72
N HIS B 194 4.10 24.08 -22.84
CA HIS B 194 4.74 23.11 -21.91
C HIS B 194 5.27 21.93 -22.72
N THR B 195 6.39 21.36 -22.27
CA THR B 195 7.08 20.22 -22.93
C THR B 195 6.61 18.90 -22.32
N GLY B 196 6.34 18.90 -21.00
CA GLY B 196 5.89 17.74 -20.20
C GLY B 196 4.42 17.83 -19.84
N ASP B 197 3.89 16.75 -19.25
CA ASP B 197 2.45 16.64 -18.91
C ASP B 197 2.15 17.59 -17.76
N VAL B 198 1.00 18.28 -17.83
CA VAL B 198 0.64 19.35 -16.86
C VAL B 198 0.04 18.66 -15.63
N MET B 199 0.41 19.09 -14.42
CA MET B 199 0.04 18.43 -13.15
C MET B 199 -1.03 19.23 -12.42
N SER B 200 -0.92 20.55 -12.38
CA SER B 200 -1.72 21.40 -11.46
C SER B 200 -2.06 22.73 -12.12
N LEU B 201 -3.04 23.42 -11.57
CA LEU B 201 -3.44 24.81 -11.95
C LEU B 201 -3.54 25.64 -10.68
N SER B 202 -3.40 26.94 -10.81
CA SER B 202 -3.66 27.92 -9.73
C SER B 202 -4.29 29.17 -10.32
N LEU B 203 -5.58 29.41 -10.06
CA LEU B 203 -6.29 30.62 -10.56
C LEU B 203 -6.03 31.75 -9.58
N ALA B 204 -6.01 32.97 -10.09
CA ALA B 204 -5.85 34.20 -9.27
C ALA B 204 -7.15 34.41 -8.50
N PRO B 205 -7.10 35.16 -7.37
CA PRO B 205 -8.31 35.66 -6.71
C PRO B 205 -9.34 36.28 -7.69
N ASP B 206 -8.90 37.16 -8.59
CA ASP B 206 -9.75 37.82 -9.62
C ASP B 206 -10.10 36.88 -10.79
N THR B 207 -9.42 35.74 -10.93
CA THR B 207 -9.65 34.70 -11.97
C THR B 207 -9.34 35.29 -13.36
N ARG B 208 -8.43 36.26 -13.41
CA ARG B 208 -8.03 36.94 -14.65
C ARG B 208 -6.83 36.20 -15.26
N LEU B 209 -5.92 35.72 -14.41
CA LEU B 209 -4.71 34.98 -14.82
C LEU B 209 -4.66 33.68 -14.03
N PHE B 210 -3.95 32.68 -14.57
CA PHE B 210 -3.57 31.46 -13.83
C PHE B 210 -2.17 31.01 -14.22
N VAL B 211 -1.51 30.31 -13.29
CA VAL B 211 -0.22 29.62 -13.56
C VAL B 211 -0.49 28.14 -13.72
N SER B 212 0.47 27.45 -14.32
CA SER B 212 0.27 26.04 -14.71
C SER B 212 1.64 25.40 -14.77
N GLY B 213 1.87 24.43 -13.88
CA GLY B 213 3.10 23.64 -13.81
C GLY B 213 2.93 22.33 -14.55
N ALA B 214 3.97 21.91 -15.24
CA ALA B 214 4.03 20.60 -15.89
C ALA B 214 5.32 19.88 -15.50
N CYS B 215 5.44 18.64 -15.97
CA CYS B 215 6.62 17.79 -15.70
C CYS B 215 7.77 18.20 -16.61
N ASP B 216 8.24 19.44 -16.44
CA ASP B 216 9.43 19.97 -17.15
C ASP B 216 10.28 20.85 -16.20
N ALA B 217 10.03 20.77 -14.89
CA ALA B 217 10.64 21.64 -13.85
C ALA B 217 10.45 23.13 -14.18
N SER B 218 9.27 23.52 -14.68
CA SER B 218 9.00 24.94 -14.98
C SER B 218 7.51 25.25 -14.86
N ALA B 219 7.22 26.50 -14.54
CA ALA B 219 5.86 27.07 -14.37
C ALA B 219 5.69 28.22 -15.35
N LYS B 220 4.49 28.34 -15.89
CA LYS B 220 4.13 29.38 -16.89
C LYS B 220 2.81 30.01 -16.46
N LEU B 221 2.76 31.35 -16.39
CA LEU B 221 1.48 32.05 -16.15
C LEU B 221 0.82 32.30 -17.52
N TRP B 222 -0.44 31.85 -17.65
CA TRP B 222 -1.24 31.97 -18.88
C TRP B 222 -2.31 33.05 -18.70
N ASP B 223 -2.60 33.79 -19.76
CA ASP B 223 -3.78 34.69 -19.84
C ASP B 223 -5.01 33.92 -20.28
N VAL B 224 -6.09 34.12 -19.56
CA VAL B 224 -7.34 33.32 -19.71
C VAL B 224 -8.00 33.76 -21.01
N ARG B 225 -8.06 35.06 -21.28
CA ARG B 225 -8.78 35.64 -22.43
C ARG B 225 -7.96 35.34 -23.68
N GLU B 226 -6.76 35.92 -23.75
CA GLU B 226 -6.01 36.01 -25.03
C GLU B 226 -5.38 34.64 -25.34
N GLY B 227 -4.82 33.98 -24.33
CA GLY B 227 -4.36 32.60 -24.48
C GLY B 227 -2.93 32.54 -24.94
N MET B 228 -2.03 33.19 -24.21
CA MET B 228 -0.56 33.12 -24.43
C MET B 228 0.15 33.28 -23.08
N CYS B 229 1.29 32.60 -22.93
CA CYS B 229 2.16 32.63 -21.73
C CYS B 229 2.84 33.99 -21.65
N ARG B 230 2.43 34.82 -20.70
CA ARG B 230 3.04 36.14 -20.45
C ARG B 230 4.43 35.99 -19.82
N GLN B 231 4.62 35.02 -18.93
CA GLN B 231 5.88 34.84 -18.17
C GLN B 231 6.14 33.38 -17.85
N THR B 232 7.40 33.02 -17.65
CA THR B 232 7.85 31.65 -17.31
C THR B 232 8.76 31.70 -16.09
N PHE B 233 8.69 30.63 -15.27
CA PHE B 233 9.47 30.44 -14.03
C PHE B 233 10.15 29.09 -14.10
N THR B 234 11.39 29.06 -13.61
CA THR B 234 12.25 27.86 -13.56
C THR B 234 13.19 28.05 -12.36
N GLY B 235 13.77 26.95 -11.86
CA GLY B 235 14.43 26.91 -10.55
C GLY B 235 14.37 25.51 -9.96
N HIS B 236 13.26 24.80 -10.19
CA HIS B 236 13.05 23.40 -9.75
C HIS B 236 14.00 22.48 -10.51
N GLU B 237 14.42 21.42 -9.83
CA GLU B 237 15.37 20.41 -10.35
C GLU B 237 14.58 19.31 -11.06
N SER B 238 13.39 18.98 -10.54
CA SER B 238 12.57 17.85 -10.98
C SER B 238 11.15 18.31 -11.35
N ASP B 239 10.35 17.37 -11.84
CA ASP B 239 8.97 17.64 -12.36
C ASP B 239 8.15 18.28 -11.25
N ILE B 240 7.31 19.22 -11.64
CA ILE B 240 6.43 20.00 -10.75
C ILE B 240 5.27 19.12 -10.36
N ASN B 241 4.69 19.36 -9.19
CA ASN B 241 3.65 18.46 -8.65
C ASN B 241 2.40 19.30 -8.37
N ALA B 242 2.57 20.46 -7.75
CA ALA B 242 1.45 21.33 -7.38
C ALA B 242 1.86 22.79 -7.34
N ILE B 243 0.90 23.68 -7.49
CA ILE B 243 1.08 25.15 -7.39
C ILE B 243 -0.17 25.72 -6.71
N CYS B 244 0.02 26.74 -5.89
CA CYS B 244 -1.08 27.60 -5.39
C CYS B 244 -0.56 29.02 -5.28
N PHE B 245 -1.43 29.97 -5.59
CA PHE B 245 -1.14 31.42 -5.49
C PHE B 245 -1.04 31.84 -4.03
N PHE B 246 -0.14 32.76 -3.79
CA PHE B 246 -0.10 33.60 -2.59
C PHE B 246 -1.37 34.44 -2.55
N PRO B 247 -1.97 34.67 -1.36
CA PRO B 247 -3.23 35.43 -1.27
C PRO B 247 -3.26 36.79 -1.99
N ASN B 248 -2.13 37.49 -2.05
CA ASN B 248 -1.89 38.70 -2.90
C ASN B 248 -2.28 38.43 -4.37
N GLY B 249 -1.97 37.25 -4.91
CA GLY B 249 -2.11 36.90 -6.33
C GLY B 249 -0.85 37.18 -7.16
N ASN B 250 0.11 37.94 -6.63
CA ASN B 250 1.28 38.46 -7.40
C ASN B 250 2.54 37.65 -7.06
N ALA B 251 2.41 36.60 -6.24
CA ALA B 251 3.42 35.54 -6.10
C ALA B 251 2.74 34.18 -5.97
N PHE B 252 3.55 33.13 -5.97
CA PHE B 252 3.08 31.75 -5.74
C PHE B 252 4.25 30.85 -5.36
N ALA B 253 3.92 29.80 -4.61
CA ALA B 253 4.85 28.71 -4.25
C ALA B 253 4.54 27.50 -5.12
N THR B 254 5.46 26.57 -5.14
CA THR B 254 5.40 25.39 -6.02
C THR B 254 6.07 24.21 -5.34
N GLY B 255 5.35 23.11 -5.14
CA GLY B 255 5.95 21.84 -4.71
C GLY B 255 6.42 21.05 -5.89
N SER B 256 7.57 20.41 -5.77
CA SER B 256 8.14 19.54 -6.83
C SER B 256 8.76 18.29 -6.20
N ASP B 257 9.17 17.37 -7.08
CA ASP B 257 9.71 16.05 -6.72
C ASP B 257 11.11 16.18 -6.10
N ASP B 258 11.78 17.33 -6.28
CA ASP B 258 13.13 17.62 -5.72
C ASP B 258 13.07 17.83 -4.20
N ALA B 259 11.91 17.62 -3.55
CA ALA B 259 11.77 17.69 -2.07
C ALA B 259 12.03 19.11 -1.58
N THR B 260 11.79 20.11 -2.43
CA THR B 260 11.83 21.52 -2.02
C THR B 260 10.66 22.27 -2.67
N CYS B 261 10.15 23.27 -1.95
CA CYS B 261 9.19 24.25 -2.43
C CYS B 261 9.93 25.55 -2.77
N ARG B 262 9.49 26.27 -3.78
CA ARG B 262 10.07 27.56 -4.19
C ARG B 262 8.94 28.57 -4.33
N LEU B 263 9.06 29.70 -3.64
CA LEU B 263 8.17 30.86 -3.82
C LEU B 263 8.69 31.70 -5.00
N PHE B 264 7.83 31.99 -5.96
CA PHE B 264 8.12 32.77 -7.17
C PHE B 264 7.27 34.03 -7.18
N ASP B 265 7.93 35.20 -7.25
CA ASP B 265 7.27 36.51 -7.46
C ASP B 265 6.99 36.72 -8.95
N LEU B 266 5.76 37.11 -9.30
CA LEU B 266 5.37 37.37 -10.70
C LEU B 266 6.11 38.63 -11.20
N ARG B 267 6.27 39.62 -10.33
CA ARG B 267 6.85 40.94 -10.71
C ARG B 267 8.37 40.82 -10.79
N ALA B 268 9.00 40.25 -9.77
CA ALA B 268 10.48 40.17 -9.66
C ALA B 268 11.02 39.15 -10.66
N ASP B 269 10.20 38.15 -11.03
CA ASP B 269 10.53 37.08 -12.02
C ASP B 269 11.74 36.29 -11.51
N GLN B 270 11.74 35.97 -10.22
CA GLN B 270 12.85 35.22 -9.61
C GLN B 270 12.31 34.39 -8.45
N GLU B 271 12.92 33.22 -8.28
CA GLU B 271 12.80 32.41 -7.04
C GLU B 271 13.32 33.20 -5.84
N LEU B 272 12.40 33.74 -5.03
CA LEU B 272 12.74 34.65 -3.90
C LEU B 272 13.43 33.87 -2.78
N MET B 273 12.90 32.70 -2.42
CA MET B 273 13.51 31.86 -1.36
C MET B 273 12.98 30.42 -1.41
N THR B 274 13.81 29.48 -0.93
CA THR B 274 13.68 28.01 -1.10
C THR B 274 13.38 27.37 0.25
N TYR B 275 12.49 26.39 0.27
CA TYR B 275 12.09 25.61 1.47
C TYR B 275 12.81 24.27 1.40
N SER B 276 13.92 24.21 2.14
CA SER B 276 14.89 23.09 2.19
C SER B 276 15.18 22.75 3.66
N HIS B 277 15.10 21.46 3.98
CA HIS B 277 15.59 20.82 5.21
C HIS B 277 16.43 19.61 4.81
N ASP B 278 17.58 19.43 5.46
CA ASP B 278 18.53 18.31 5.19
C ASP B 278 17.81 16.97 5.39
N ASN B 279 16.91 16.90 6.37
CA ASN B 279 16.21 15.65 6.78
C ASN B 279 15.23 15.22 5.69
N ILE B 280 14.52 16.16 5.06
CA ILE B 280 13.47 15.82 4.05
C ILE B 280 14.13 15.44 2.74
N ILE B 281 13.80 14.25 2.26
CA ILE B 281 14.34 13.64 1.02
C ILE B 281 13.19 13.28 0.06
N CYS B 282 11.98 13.14 0.58
CA CYS B 282 10.78 12.72 -0.20
C CYS B 282 10.20 13.89 -0.97
N GLY B 283 9.49 13.59 -2.06
CA GLY B 283 8.85 14.58 -2.93
C GLY B 283 7.68 15.29 -2.27
N ILE B 284 7.28 16.41 -2.86
CA ILE B 284 6.14 17.25 -2.41
C ILE B 284 5.01 17.02 -3.39
N THR B 285 3.82 16.82 -2.83
CA THR B 285 2.63 16.37 -3.57
C THR B 285 1.70 17.55 -3.70
N SER B 286 1.49 18.29 -2.61
CA SER B 286 0.55 19.42 -2.58
C SER B 286 1.12 20.60 -1.79
N VAL B 287 0.67 21.79 -2.15
CA VAL B 287 1.04 23.06 -1.47
C VAL B 287 -0.23 23.87 -1.36
N SER B 288 -0.32 24.68 -0.32
CA SER B 288 -1.38 25.67 -0.12
C SER B 288 -0.89 26.72 0.85
N PHE B 289 -1.49 27.90 0.76
CA PHE B 289 -1.30 29.00 1.73
C PHE B 289 -2.51 29.03 2.65
N SER B 290 -2.28 29.52 3.86
CA SER B 290 -3.29 30.11 4.77
C SER B 290 -3.85 31.41 4.18
N LYS B 291 -4.88 31.97 4.81
CA LYS B 291 -5.51 33.24 4.39
C LYS B 291 -4.46 34.37 4.45
N SER B 292 -3.62 34.41 5.49
CA SER B 292 -2.54 35.40 5.67
C SER B 292 -1.41 35.13 4.68
N GLY B 293 -1.16 33.86 4.37
CA GLY B 293 -0.07 33.43 3.47
C GLY B 293 1.25 33.22 4.19
N ARG B 294 1.30 33.45 5.50
CA ARG B 294 2.53 33.22 6.31
C ARG B 294 2.82 31.72 6.32
N LEU B 295 1.81 30.92 6.62
CA LEU B 295 2.01 29.46 6.79
C LEU B 295 1.79 28.78 5.44
N LEU B 296 2.86 28.39 4.78
CA LEU B 296 2.81 27.53 3.57
C LEU B 296 2.61 26.08 3.95
N LEU B 297 1.40 25.56 3.76
CA LEU B 297 1.05 24.15 4.05
C LEU B 297 1.47 23.32 2.85
N ALA B 298 2.56 22.57 3.00
CA ALA B 298 3.14 21.67 1.98
C ALA B 298 2.90 20.22 2.41
N GLY B 299 2.23 19.43 1.55
CA GLY B 299 1.95 18.01 1.79
C GLY B 299 2.96 17.16 1.10
N TYR B 300 3.69 16.33 1.84
CA TYR B 300 4.77 15.45 1.31
C TYR B 300 4.24 14.03 1.14
N ASP B 301 4.99 13.21 0.41
CA ASP B 301 4.67 11.77 0.22
C ASP B 301 5.46 10.95 1.25
N ASP B 302 6.12 11.60 2.22
CA ASP B 302 6.69 10.95 3.43
C ASP B 302 5.63 10.77 4.51
N PHE B 303 4.36 10.65 4.11
CA PHE B 303 3.19 10.30 4.96
C PHE B 303 2.87 11.43 5.97
N ASN B 304 3.32 12.66 5.78
CA ASN B 304 2.96 13.78 6.69
C ASN B 304 3.03 15.08 5.89
N CYS B 305 2.54 16.17 6.46
CA CYS B 305 2.60 17.49 5.81
C CYS B 305 3.18 18.53 6.74
N ASN B 306 4.24 19.17 6.30
CA ASN B 306 5.08 20.11 7.08
C ASN B 306 4.56 21.53 6.88
N VAL B 307 4.35 22.27 7.96
CA VAL B 307 3.90 23.68 7.93
C VAL B 307 5.14 24.55 7.83
N TRP B 308 5.43 25.08 6.65
CA TRP B 308 6.60 25.93 6.38
C TRP B 308 6.25 27.36 6.69
N ASP B 309 7.17 28.06 7.36
CA ASP B 309 7.19 29.52 7.47
C ASP B 309 7.61 30.07 6.09
N ALA B 310 6.68 30.71 5.39
CA ALA B 310 6.90 31.24 4.04
C ALA B 310 7.89 32.42 4.09
N LEU B 311 8.04 33.09 5.23
CA LEU B 311 8.94 34.26 5.38
C LEU B 311 10.34 33.83 5.84
N LYS B 312 10.45 32.85 6.74
CA LYS B 312 11.70 32.55 7.46
C LYS B 312 12.33 31.23 6.99
N ALA B 313 11.68 30.46 6.11
CA ALA B 313 12.14 29.15 5.58
C ALA B 313 12.41 28.17 6.72
N ASP B 314 11.56 28.17 7.75
CA ASP B 314 11.71 27.28 8.93
C ASP B 314 10.47 26.38 8.99
N ARG B 315 10.65 25.12 9.37
CA ARG B 315 9.56 24.17 9.71
C ARG B 315 8.81 24.73 10.93
N ALA B 316 7.71 25.47 10.70
CA ALA B 316 6.82 26.00 11.76
C ALA B 316 6.16 24.84 12.51
N GLY B 317 5.69 23.82 11.78
CA GLY B 317 4.91 22.72 12.37
C GLY B 317 4.83 21.52 11.46
N VAL B 318 4.27 20.43 11.99
CA VAL B 318 4.14 19.13 11.31
C VAL B 318 2.74 18.60 11.63
N LEU B 319 2.12 17.97 10.65
CA LEU B 319 0.78 17.32 10.75
C LEU B 319 0.96 15.87 10.35
N ALA B 320 1.29 15.01 11.32
CA ALA B 320 1.44 13.57 11.14
C ALA B 320 0.09 12.91 11.46
N GLY B 321 -0.69 12.63 10.43
CA GLY B 321 -2.07 12.14 10.54
C GLY B 321 -2.35 10.91 9.70
N HIS B 322 -1.52 10.59 8.71
CA HIS B 322 -1.87 9.61 7.66
C HIS B 322 -0.82 8.50 7.63
N ASP B 323 -1.26 7.31 7.26
CA ASP B 323 -0.40 6.10 7.17
C ASP B 323 0.17 5.98 5.75
N ASN B 324 -0.27 6.82 4.82
CA ASN B 324 0.07 6.71 3.39
C ASN B 324 0.26 8.12 2.83
N ARG B 325 0.64 8.21 1.56
CA ARG B 325 1.06 9.46 0.90
C ARG B 325 -0.07 10.49 1.06
N VAL B 326 0.27 11.73 1.43
CA VAL B 326 -0.67 12.88 1.39
C VAL B 326 -0.83 13.30 -0.07
N SER B 327 -2.04 13.18 -0.63
CA SER B 327 -2.31 13.34 -2.09
C SER B 327 -2.60 14.80 -2.38
N CYS B 328 -3.60 15.32 -1.67
CA CYS B 328 -4.20 16.65 -1.88
C CYS B 328 -4.33 17.33 -0.52
N LEU B 329 -4.40 18.65 -0.56
CA LEU B 329 -4.35 19.53 0.62
C LEU B 329 -5.07 20.82 0.23
N GLY B 330 -6.20 21.12 0.87
CA GLY B 330 -6.93 22.39 0.71
C GLY B 330 -6.92 23.19 1.99
N VAL B 331 -7.06 24.49 1.86
CA VAL B 331 -7.37 25.44 2.95
C VAL B 331 -8.68 26.09 2.56
N THR B 332 -9.56 26.30 3.53
CA THR B 332 -10.85 27.00 3.32
C THR B 332 -10.54 28.45 2.91
N ASP B 333 -11.41 29.03 2.10
CA ASP B 333 -11.21 30.41 1.56
C ASP B 333 -11.27 31.41 2.72
N ASP B 334 -12.19 31.22 3.67
CA ASP B 334 -12.28 32.07 4.88
C ASP B 334 -11.09 31.82 5.81
N GLY B 335 -10.47 30.63 5.71
CA GLY B 335 -9.18 30.28 6.33
C GLY B 335 -9.39 29.88 7.79
N MET B 336 -10.48 29.18 8.09
CA MET B 336 -10.79 28.66 9.45
C MET B 336 -10.01 27.37 9.67
N ALA B 337 -9.96 26.51 8.66
CA ALA B 337 -9.50 25.10 8.76
C ALA B 337 -8.62 24.73 7.57
N VAL B 338 -7.97 23.58 7.66
CA VAL B 338 -7.10 22.96 6.63
C VAL B 338 -7.51 21.51 6.47
N ALA B 339 -7.55 21.03 5.24
CA ALA B 339 -7.88 19.64 4.91
C ALA B 339 -6.64 19.00 4.31
N THR B 340 -6.50 17.71 4.55
CA THR B 340 -5.51 16.84 3.86
C THR B 340 -6.23 15.60 3.39
N GLY B 341 -6.02 15.23 2.15
CA GLY B 341 -6.32 13.90 1.64
C GLY B 341 -5.06 13.04 1.54
N SER B 342 -5.26 11.74 1.60
CA SER B 342 -4.18 10.73 1.61
C SER B 342 -4.61 9.49 0.84
N TRP B 343 -3.66 8.60 0.60
CA TRP B 343 -3.89 7.36 -0.17
C TRP B 343 -4.57 6.30 0.70
N ASP B 344 -4.80 6.57 1.98
CA ASP B 344 -5.60 5.72 2.92
C ASP B 344 -7.09 6.00 2.82
N SER B 345 -7.52 6.94 1.99
CA SER B 345 -8.94 7.26 1.72
C SER B 345 -9.53 8.10 2.86
N PHE B 346 -8.70 8.66 3.73
CA PHE B 346 -9.16 9.38 4.93
C PHE B 346 -8.82 10.85 4.76
N LEU B 347 -9.86 11.67 4.67
CA LEU B 347 -9.77 13.15 4.81
C LEU B 347 -9.70 13.55 6.28
N LYS B 348 -8.57 14.11 6.71
CA LYS B 348 -8.41 14.75 8.05
C LYS B 348 -8.56 16.27 7.90
N ILE B 349 -9.41 16.89 8.72
CA ILE B 349 -9.55 18.37 8.82
C ILE B 349 -8.81 18.86 10.05
N TRP B 350 -8.08 19.96 9.94
CA TRP B 350 -7.14 20.41 10.99
C TRP B 350 -7.48 21.86 11.28
N ASN B 351 -7.21 22.31 12.51
CA ASN B 351 -7.56 23.69 12.96
C ASN B 351 -6.57 24.14 14.05
N ALA C 7 10.81 19.37 -39.11
CA ALA C 7 9.66 20.11 -38.48
C ALA C 7 10.13 21.14 -37.43
N SER C 8 11.42 21.14 -37.05
CA SER C 8 12.01 22.04 -36.01
C SER C 8 12.06 23.50 -36.48
N ILE C 9 12.08 23.75 -37.80
CA ILE C 9 12.09 25.10 -38.46
C ILE C 9 10.88 25.93 -37.99
N ALA C 10 9.66 25.40 -38.10
CA ALA C 10 8.39 26.14 -37.90
C ALA C 10 8.29 26.58 -36.43
N GLN C 11 8.61 25.67 -35.51
CA GLN C 11 8.49 25.88 -34.04
C GLN C 11 9.66 26.71 -33.53
N ALA C 12 10.75 26.85 -34.29
CA ALA C 12 11.96 27.60 -33.86
C ALA C 12 11.59 29.08 -33.75
N ARG C 13 10.91 29.63 -34.76
CA ARG C 13 10.54 31.06 -34.86
C ARG C 13 9.62 31.43 -33.70
N LYS C 14 8.57 30.62 -33.47
CA LYS C 14 7.56 30.84 -32.41
C LYS C 14 8.22 30.71 -31.03
N LEU C 15 9.10 29.72 -30.83
CA LEU C 15 9.84 29.53 -29.55
C LEU C 15 10.71 30.75 -29.25
N VAL C 16 11.41 31.28 -30.26
CA VAL C 16 12.29 32.47 -30.13
C VAL C 16 11.40 33.69 -29.88
N GLU C 17 10.27 33.78 -30.58
CA GLU C 17 9.35 34.95 -30.50
C GLU C 17 8.80 35.03 -29.09
N GLN C 18 8.35 33.89 -28.53
CA GLN C 18 7.70 33.87 -27.20
C GLN C 18 8.74 34.26 -26.14
N LEU C 19 9.98 33.76 -26.22
CA LEU C 19 11.03 34.12 -25.22
C LEU C 19 11.49 35.56 -25.42
N LYS C 20 11.35 36.12 -26.63
CA LYS C 20 11.70 37.54 -26.89
C LYS C 20 10.73 38.47 -26.14
N MET C 21 9.42 38.21 -26.23
CA MET C 21 8.39 39.13 -25.67
C MET C 21 8.44 39.07 -24.13
N GLU C 22 8.67 37.89 -23.56
CA GLU C 22 8.74 37.69 -22.08
C GLU C 22 10.05 38.24 -21.50
N ALA C 23 11.09 38.46 -22.30
CA ALA C 23 12.36 39.10 -21.88
C ALA C 23 12.20 40.61 -21.77
N ASN C 24 11.14 41.19 -22.33
CA ASN C 24 10.89 42.66 -22.32
C ASN C 24 9.88 43.03 -21.23
N ILE C 25 9.64 42.13 -20.25
CA ILE C 25 8.75 42.41 -19.09
C ILE C 25 9.40 43.48 -18.22
N ASP C 26 8.56 44.20 -17.46
CA ASP C 26 8.95 45.31 -16.55
C ASP C 26 9.29 44.69 -15.19
N ARG C 27 10.50 44.15 -15.07
CA ARG C 27 11.01 43.55 -13.82
C ARG C 27 11.13 44.64 -12.74
N ILE C 28 10.82 44.29 -11.49
CA ILE C 28 11.01 45.16 -10.31
C ILE C 28 12.06 44.53 -9.40
N LYS C 29 12.61 45.35 -8.50
CA LYS C 29 13.56 44.95 -7.42
C LYS C 29 12.99 43.78 -6.62
N VAL C 30 13.78 42.72 -6.39
CA VAL C 30 13.36 41.56 -5.54
C VAL C 30 13.16 42.03 -4.09
N SER C 31 13.89 43.06 -3.66
CA SER C 31 13.70 43.75 -2.36
C SER C 31 12.25 44.20 -2.23
N LYS C 32 11.75 44.94 -3.22
CA LYS C 32 10.36 45.46 -3.23
C LYS C 32 9.40 44.29 -3.36
N ALA C 33 9.71 43.34 -4.23
CA ALA C 33 8.86 42.14 -4.50
C ALA C 33 8.67 41.33 -3.22
N ALA C 34 9.66 41.30 -2.35
CA ALA C 34 9.65 40.51 -1.10
C ALA C 34 9.10 41.37 0.05
N ALA C 35 9.31 42.69 0.01
CA ALA C 35 8.84 43.62 1.07
C ALA C 35 7.33 43.80 0.97
N ASP C 36 6.75 43.71 -0.23
CA ASP C 36 5.29 43.95 -0.41
C ASP C 36 4.52 42.74 0.12
N LEU C 37 4.98 41.53 -0.16
CA LEU C 37 4.25 40.29 0.24
C LEU C 37 4.35 40.14 1.75
N MET C 38 5.50 40.45 2.36
CA MET C 38 5.69 40.37 3.84
C MET C 38 4.74 41.36 4.53
N ALA C 39 4.62 42.60 4.01
CA ALA C 39 3.73 43.65 4.55
C ALA C 39 2.27 43.20 4.47
N TYR C 40 1.83 42.67 3.33
CA TYR C 40 0.47 42.12 3.14
C TYR C 40 0.26 40.92 4.06
N CYS C 41 1.27 40.06 4.18
CA CYS C 41 1.16 38.80 4.95
C CYS C 41 0.92 39.09 6.43
N GLU C 42 1.48 40.21 6.94
CA GLU C 42 1.44 40.58 8.37
C GLU C 42 0.23 41.50 8.66
N ALA C 43 -0.20 42.32 7.70
CA ALA C 43 -1.38 43.20 7.86
C ALA C 43 -2.64 42.34 8.03
N HIS C 44 -2.75 41.22 7.30
CA HIS C 44 -3.93 40.30 7.32
C HIS C 44 -3.68 39.06 8.18
N ALA C 45 -2.55 39.01 8.90
CA ALA C 45 -2.19 37.90 9.82
C ALA C 45 -3.04 37.97 11.08
N LYS C 46 -3.44 39.17 11.51
CA LYS C 46 -4.15 39.36 12.80
C LYS C 46 -5.50 38.63 12.77
N GLU C 47 -6.10 38.41 11.60
CA GLU C 47 -7.44 37.76 11.48
C GLU C 47 -7.35 36.35 10.89
N ASP C 48 -6.14 35.76 10.80
CA ASP C 48 -5.94 34.38 10.29
C ASP C 48 -5.90 33.41 11.46
N PRO C 49 -6.90 32.50 11.60
CA PRO C 49 -6.90 31.51 12.68
C PRO C 49 -6.13 30.22 12.37
N LEU C 50 -4.96 30.36 11.73
CA LEU C 50 -3.97 29.26 11.55
C LEU C 50 -2.63 29.71 12.14
N LEU C 51 -2.24 30.96 11.91
CA LEU C 51 -1.08 31.62 12.57
C LEU C 51 -1.36 31.74 14.07
N THR C 52 -2.54 32.25 14.42
CA THR C 52 -2.98 32.47 15.82
C THR C 52 -4.04 31.43 16.14
N PRO C 53 -3.82 30.53 17.14
CA PRO C 53 -4.88 29.63 17.58
C PRO C 53 -6.15 30.37 18.02
N VAL C 54 -7.33 29.84 17.69
CA VAL C 54 -8.65 30.50 17.90
C VAL C 54 -9.31 29.84 19.11
N PRO C 55 -9.87 30.62 20.09
CA PRO C 55 -10.69 30.05 21.17
C PRO C 55 -11.90 29.25 20.67
N ALA C 56 -12.27 28.21 21.42
CA ALA C 56 -13.27 27.21 21.02
C ALA C 56 -14.64 27.87 20.81
N SER C 57 -14.91 29.00 21.47
CA SER C 57 -16.21 29.73 21.38
C SER C 57 -16.55 30.02 19.92
N GLU C 58 -15.72 30.83 19.26
CA GLU C 58 -15.98 31.26 17.85
C GLU C 58 -15.44 30.23 16.85
N ASN C 59 -14.57 29.31 17.28
CA ASN C 59 -14.05 28.22 16.41
C ASN C 59 -15.21 27.28 16.06
N PRO C 60 -15.59 27.09 14.78
CA PRO C 60 -16.71 26.20 14.45
C PRO C 60 -16.35 24.71 14.33
N PHE C 61 -15.08 24.33 14.56
CA PHE C 61 -14.55 22.94 14.43
C PHE C 61 -14.12 22.41 15.80
N ARG C 62 -14.90 22.77 16.82
CA ARG C 62 -14.98 22.02 18.10
C ARG C 62 -15.52 20.61 17.87
N GLN D 3 17.92 26.92 -12.99
CA GLN D 3 17.43 26.49 -14.33
C GLN D 3 18.27 25.29 -14.79
N VAL D 4 17.62 24.19 -15.18
CA VAL D 4 18.31 22.90 -15.53
C VAL D 4 18.72 22.95 -17.00
N GLN D 5 20.03 22.79 -17.25
CA GLN D 5 20.61 22.55 -18.60
C GLN D 5 21.49 21.30 -18.55
N LEU D 6 21.58 20.57 -19.67
CA LEU D 6 22.56 19.51 -19.95
C LEU D 6 23.30 19.84 -21.25
N GLN D 7 24.57 20.20 -21.14
CA GLN D 7 25.42 20.71 -22.24
C GLN D 7 26.35 19.58 -22.66
N GLU D 8 26.18 19.11 -23.90
CA GLU D 8 26.87 17.92 -24.43
C GLU D 8 28.22 18.34 -24.99
N SER D 9 29.13 17.38 -25.17
CA SER D 9 30.46 17.61 -25.77
C SER D 9 30.92 16.35 -26.50
N GLY D 10 31.98 16.51 -27.29
CA GLY D 10 32.55 15.45 -28.14
C GLY D 10 31.63 15.08 -29.29
N GLY D 11 31.85 13.90 -29.86
CA GLY D 11 31.15 13.41 -31.06
C GLY D 11 31.62 14.07 -32.34
N GLY D 12 31.56 13.32 -33.43
CA GLY D 12 31.86 13.81 -34.79
C GLY D 12 32.33 12.67 -35.66
N LEU D 13 33.23 12.97 -36.60
CA LEU D 13 33.77 11.97 -37.55
C LEU D 13 34.93 11.23 -36.89
N VAL D 14 34.97 9.92 -37.08
CA VAL D 14 36.04 9.03 -36.52
C VAL D 14 36.10 7.75 -37.36
N GLN D 15 37.30 7.18 -37.49
CA GLN D 15 37.54 5.96 -38.31
C GLN D 15 36.81 4.80 -37.64
N PRO D 16 36.27 3.82 -38.41
CA PRO D 16 35.64 2.67 -37.77
C PRO D 16 36.67 1.84 -36.98
N GLY D 17 36.31 1.48 -35.74
CA GLY D 17 37.15 0.75 -34.78
C GLY D 17 37.88 1.69 -33.83
N GLY D 18 37.73 3.01 -34.00
CA GLY D 18 38.42 4.03 -33.21
C GLY D 18 37.77 4.23 -31.85
N SER D 19 37.97 5.38 -31.24
CA SER D 19 37.40 5.72 -29.91
C SER D 19 36.99 7.19 -29.86
N LEU D 20 36.02 7.52 -29.01
CA LEU D 20 35.56 8.92 -28.83
C LEU D 20 35.11 9.13 -27.39
N ARG D 21 35.70 10.12 -26.70
CA ARG D 21 35.33 10.48 -25.31
C ARG D 21 34.21 11.53 -25.35
N LEU D 22 32.98 11.12 -25.03
CA LEU D 22 31.86 12.08 -24.78
C LEU D 22 31.93 12.60 -23.34
N SER D 23 31.53 13.84 -23.13
CA SER D 23 31.44 14.52 -21.81
C SER D 23 30.13 15.28 -21.74
N CYS D 24 29.28 14.99 -20.76
CA CYS D 24 28.05 15.76 -20.45
C CYS D 24 28.35 16.78 -19.34
N ALA D 25 28.43 18.05 -19.68
CA ALA D 25 28.44 19.18 -18.70
C ALA D 25 27.03 19.38 -18.16
N ALA D 26 26.80 19.01 -16.89
CA ALA D 26 25.51 19.12 -16.19
C ALA D 26 25.49 20.40 -15.37
N SER D 27 24.31 21.01 -15.29
CA SER D 27 24.07 22.30 -14.57
C SER D 27 22.62 22.39 -14.10
N GLY D 28 22.40 23.21 -13.07
CA GLY D 28 21.07 23.56 -12.54
C GLY D 28 20.46 22.49 -11.67
N PHE D 29 21.29 21.56 -11.18
CA PHE D 29 20.93 20.59 -10.12
C PHE D 29 22.20 20.06 -9.46
N THR D 30 22.01 19.39 -8.32
CA THR D 30 23.08 18.67 -7.59
C THR D 30 23.37 17.39 -8.36
N PHE D 31 24.53 17.35 -9.02
CA PHE D 31 24.91 16.25 -9.93
C PHE D 31 24.94 14.92 -9.16
N SER D 32 25.50 14.94 -7.95
CA SER D 32 25.72 13.76 -7.09
C SER D 32 24.39 13.11 -6.71
N ASN D 33 23.32 13.89 -6.69
CA ASN D 33 22.00 13.44 -6.20
C ASN D 33 21.22 12.66 -7.26
N TYR D 34 21.53 12.77 -8.55
CA TYR D 34 20.69 12.19 -9.63
C TYR D 34 21.45 11.08 -10.32
N LYS D 35 20.73 10.05 -10.76
CA LYS D 35 21.25 8.95 -11.62
C LYS D 35 21.13 9.40 -13.08
N MET D 36 22.19 9.20 -13.87
CA MET D 36 22.25 9.62 -15.29
C MET D 36 22.16 8.41 -16.19
N ASN D 37 21.99 8.63 -17.49
CA ASN D 37 21.70 7.61 -18.52
C ASN D 37 22.13 8.16 -19.89
N TRP D 38 22.48 7.29 -20.82
CA TRP D 38 22.80 7.63 -22.24
C TRP D 38 21.75 6.99 -23.14
N VAL D 39 21.29 7.75 -24.13
CA VAL D 39 20.28 7.29 -25.12
C VAL D 39 20.73 7.80 -26.49
N ARG D 40 20.67 6.93 -27.49
CA ARG D 40 21.06 7.28 -28.87
C ARG D 40 19.87 7.14 -29.80
N GLN D 41 19.84 7.95 -30.85
CA GLN D 41 18.76 7.97 -31.85
C GLN D 41 19.40 7.73 -33.22
N ALA D 42 19.13 6.55 -33.79
CA ALA D 42 19.57 6.16 -35.14
C ALA D 42 18.73 6.92 -36.15
N PRO D 43 19.25 7.19 -37.36
CA PRO D 43 18.44 7.72 -38.45
C PRO D 43 17.23 6.83 -38.79
N GLY D 44 16.03 7.41 -38.71
CA GLY D 44 14.75 6.77 -39.07
C GLY D 44 14.46 5.59 -38.16
N LYS D 45 14.53 5.79 -36.84
CA LYS D 45 14.39 4.70 -35.84
C LYS D 45 13.92 5.28 -34.50
N GLY D 46 13.49 4.40 -33.58
CA GLY D 46 13.10 4.76 -32.20
C GLY D 46 14.32 5.05 -31.35
N LEU D 47 14.11 5.68 -30.18
CA LEU D 47 15.19 5.86 -29.18
C LEU D 47 15.50 4.51 -28.54
N GLU D 48 16.75 4.34 -28.10
CA GLU D 48 17.18 3.17 -27.30
C GLU D 48 18.14 3.63 -26.20
N TRP D 49 18.06 2.93 -25.09
CA TRP D 49 18.94 3.05 -23.91
C TRP D 49 20.35 2.55 -24.23
N VAL D 50 21.37 3.19 -23.66
CA VAL D 50 22.80 2.81 -23.86
C VAL D 50 23.39 2.32 -22.53
N SER D 51 23.41 3.17 -21.51
CA SER D 51 24.11 2.90 -20.24
C SER D 51 23.56 3.75 -19.09
N ASP D 52 23.75 3.30 -17.84
CA ASP D 52 23.30 3.99 -16.61
C ASP D 52 24.46 4.13 -15.60
N ILE D 53 24.17 4.82 -14.51
CA ILE D 53 25.08 5.16 -13.39
C ILE D 53 24.23 5.23 -12.12
N SER D 54 24.75 4.79 -10.99
CA SER D 54 24.08 4.95 -9.66
C SER D 54 24.36 6.36 -9.13
N GLN D 55 23.77 6.70 -7.99
CA GLN D 55 24.05 7.93 -7.19
C GLN D 55 25.56 8.02 -6.88
N SER D 56 26.12 6.99 -6.25
CA SER D 56 27.56 6.86 -5.90
C SER D 56 28.39 6.59 -7.17
N GLY D 57 27.80 5.90 -8.16
CA GLY D 57 28.46 5.54 -9.43
C GLY D 57 29.12 4.19 -9.34
N ALA D 58 28.38 3.22 -8.79
CA ALA D 58 28.81 1.81 -8.63
C ALA D 58 28.05 0.94 -9.64
N SER D 59 26.71 0.91 -9.58
CA SER D 59 25.92 -0.05 -10.37
C SER D 59 25.83 0.42 -11.84
N ILE D 60 26.76 -0.07 -12.65
CA ILE D 60 26.83 0.20 -14.11
C ILE D 60 26.11 -0.93 -14.86
N SER D 61 25.34 -0.57 -15.88
CA SER D 61 24.67 -1.51 -16.80
C SER D 61 24.75 -0.95 -18.23
N TYR D 62 24.59 -1.84 -19.21
CA TYR D 62 24.60 -1.52 -20.66
C TYR D 62 23.46 -2.27 -21.38
N THR D 63 23.17 -1.83 -22.60
CA THR D 63 22.10 -2.38 -23.47
C THR D 63 22.48 -3.81 -23.86
N GLY D 64 23.77 -4.14 -23.73
CA GLY D 64 24.25 -5.51 -23.91
C GLY D 64 24.90 -5.69 -25.26
N SER D 65 24.30 -5.07 -26.30
CA SER D 65 24.88 -4.93 -27.65
C SER D 65 26.20 -4.15 -27.61
N VAL D 66 26.40 -3.23 -26.67
CA VAL D 66 27.61 -2.35 -26.60
C VAL D 66 28.42 -2.60 -25.34
N LYS D 67 28.16 -3.67 -24.59
CA LYS D 67 28.94 -3.94 -23.37
C LYS D 67 30.32 -4.47 -23.79
N GLY D 68 31.37 -4.01 -23.09
CA GLY D 68 32.79 -4.16 -23.47
C GLY D 68 33.28 -2.95 -24.27
N ARG D 69 32.50 -2.53 -25.26
CA ARG D 69 32.89 -1.53 -26.28
C ARG D 69 32.68 -0.10 -25.74
N PHE D 70 31.96 0.09 -24.64
CA PHE D 70 31.67 1.41 -24.01
C PHE D 70 32.08 1.35 -22.54
N THR D 71 32.50 2.49 -21.98
CA THR D 71 32.90 2.64 -20.57
C THR D 71 32.33 3.95 -20.02
N ILE D 72 31.47 3.86 -19.03
CA ILE D 72 30.71 5.02 -18.48
C ILE D 72 31.34 5.41 -17.16
N SER D 73 31.30 6.69 -16.85
CA SER D 73 31.87 7.22 -15.59
C SER D 73 31.17 8.54 -15.24
N ARG D 74 31.33 8.96 -13.99
CA ARG D 74 30.93 10.29 -13.51
C ARG D 74 32.02 10.88 -12.63
N ASP D 75 32.12 12.21 -12.62
CA ASP D 75 32.93 12.99 -11.64
C ASP D 75 31.99 13.84 -10.78
N ASN D 76 31.69 13.40 -9.55
CA ASN D 76 30.78 14.12 -8.61
C ASN D 76 31.45 15.41 -8.13
N ALA D 77 32.79 15.41 -8.03
CA ALA D 77 33.61 16.55 -7.57
C ALA D 77 33.44 17.72 -8.55
N LYS D 78 33.63 17.50 -9.86
CA LYS D 78 33.50 18.56 -10.90
C LYS D 78 32.08 18.62 -11.49
N ASN D 79 31.15 17.74 -11.08
CA ASN D 79 29.73 17.72 -11.53
C ASN D 79 29.69 17.52 -13.05
N THR D 80 30.24 16.41 -13.52
CA THR D 80 30.32 16.10 -14.97
C THR D 80 30.27 14.59 -15.19
N LEU D 81 29.73 14.21 -16.34
CA LEU D 81 29.53 12.80 -16.75
C LEU D 81 30.37 12.48 -17.98
N TYR D 82 30.92 11.27 -18.06
CA TYR D 82 31.85 10.82 -19.14
C TYR D 82 31.26 9.57 -19.78
N LEU D 83 31.62 9.35 -21.05
CA LEU D 83 31.49 8.03 -21.71
C LEU D 83 32.57 7.92 -22.79
N GLN D 84 33.02 6.70 -23.02
CA GLN D 84 34.16 6.46 -23.92
C GLN D 84 33.95 5.16 -24.68
N MET D 85 34.02 5.25 -25.99
CA MET D 85 33.87 4.10 -26.90
C MET D 85 35.24 3.42 -27.09
N ASN D 86 35.22 2.19 -27.61
CA ASN D 86 36.43 1.33 -27.76
C ASN D 86 36.58 0.92 -29.22
N SER D 87 35.52 0.37 -29.82
CA SER D 87 35.53 -0.10 -31.23
C SER D 87 34.19 0.25 -31.89
N LEU D 88 34.16 1.38 -32.59
CA LEU D 88 32.94 1.92 -33.19
C LEU D 88 32.56 1.11 -34.43
N LYS D 89 31.28 0.77 -34.50
CA LYS D 89 30.70 0.01 -35.63
C LYS D 89 29.96 0.98 -36.55
N PRO D 90 29.81 0.69 -37.86
CA PRO D 90 28.94 1.49 -38.74
C PRO D 90 27.50 1.65 -38.21
N GLU D 91 26.96 0.64 -37.51
CA GLU D 91 25.61 0.68 -36.89
C GLU D 91 25.55 1.71 -35.75
N ASP D 92 26.67 2.05 -35.11
CA ASP D 92 26.71 2.93 -33.91
C ASP D 92 26.44 4.40 -34.28
N THR D 93 26.48 4.77 -35.57
CA THR D 93 26.10 6.12 -36.07
C THR D 93 24.70 6.49 -35.54
N ALA D 94 24.64 7.51 -34.68
CA ALA D 94 23.42 8.03 -34.04
C ALA D 94 23.78 9.31 -33.28
N VAL D 95 22.78 10.03 -32.81
CA VAL D 95 22.99 11.18 -31.90
C VAL D 95 22.85 10.69 -30.46
N TYR D 96 23.91 10.86 -29.68
CA TYR D 96 23.98 10.46 -28.25
C TYR D 96 23.47 11.60 -27.36
N TYR D 97 22.31 11.38 -26.75
CA TYR D 97 21.74 12.29 -25.72
C TYR D 97 22.16 11.83 -24.33
N CYS D 98 22.63 12.76 -23.50
CA CYS D 98 22.97 12.55 -22.07
C CYS D 98 21.70 12.87 -21.27
N ALA D 99 21.08 11.87 -20.66
CA ALA D 99 19.79 12.00 -19.96
C ALA D 99 19.95 11.84 -18.45
N ARG D 100 19.09 12.51 -17.69
CA ARG D 100 19.06 12.45 -16.21
C ARG D 100 17.90 11.55 -15.83
N CYS D 101 17.56 11.47 -14.55
CA CYS D 101 16.41 10.70 -14.07
C CYS D 101 15.46 11.63 -13.36
N PRO D 102 14.16 11.30 -13.29
CA PRO D 102 13.19 12.22 -12.70
C PRO D 102 13.45 12.48 -11.21
N ALA D 103 13.70 11.44 -10.42
CA ALA D 103 13.75 11.50 -8.94
C ALA D 103 15.20 11.59 -8.45
N PRO D 104 15.45 12.06 -7.20
CA PRO D 104 16.79 12.16 -6.62
C PRO D 104 17.32 10.97 -5.82
N PHE D 105 16.49 10.01 -5.44
CA PHE D 105 16.97 8.83 -4.65
C PHE D 105 16.22 7.59 -5.07
N THR D 106 16.26 7.29 -6.35
CA THR D 106 15.53 6.16 -6.93
C THR D 106 16.52 5.13 -7.47
N ARG D 107 16.00 3.91 -7.67
CA ARG D 107 16.69 2.80 -8.35
C ARG D 107 16.13 2.63 -9.77
N ASP D 108 14.98 3.22 -10.10
CA ASP D 108 14.38 3.15 -11.46
C ASP D 108 14.24 4.56 -12.03
N CYS D 109 14.82 4.82 -13.21
CA CYS D 109 14.50 6.01 -14.02
C CYS D 109 13.40 5.63 -15.00
N PHE D 110 12.40 6.51 -15.15
CA PHE D 110 11.18 6.23 -15.91
C PHE D 110 11.13 7.16 -17.13
N ASP D 111 10.98 6.54 -18.30
CA ASP D 111 10.73 7.22 -19.60
C ASP D 111 11.88 8.20 -19.88
N VAL D 112 13.12 7.78 -19.68
CA VAL D 112 14.33 8.46 -20.20
C VAL D 112 14.28 8.43 -21.73
N THR D 113 13.75 7.35 -22.33
CA THR D 113 13.80 7.10 -23.79
C THR D 113 12.51 7.59 -24.44
N SER D 114 11.78 8.49 -23.78
CA SER D 114 10.49 9.02 -24.29
C SER D 114 10.77 9.94 -25.48
N THR D 115 9.77 10.13 -26.33
CA THR D 115 9.87 10.98 -27.56
C THR D 115 10.26 12.41 -27.15
N THR D 116 9.52 12.99 -26.20
CA THR D 116 9.62 14.43 -25.82
C THR D 116 9.99 14.59 -24.33
N TYR D 117 10.91 13.76 -23.82
CA TYR D 117 11.45 13.88 -22.44
C TYR D 117 12.15 15.24 -22.23
N ALA D 118 12.09 15.75 -21.00
CA ALA D 118 12.42 17.14 -20.63
C ALA D 118 13.88 17.25 -20.14
N TYR D 119 14.37 16.24 -19.39
CA TYR D 119 15.70 16.28 -18.73
C TYR D 119 16.72 15.51 -19.58
N ARG D 120 16.70 15.74 -20.89
CA ARG D 120 17.63 15.12 -21.86
C ARG D 120 18.39 16.22 -22.60
N GLY D 121 19.65 15.97 -22.94
CA GLY D 121 20.51 16.86 -23.72
C GLY D 121 20.05 17.00 -25.17
N GLN D 122 20.59 18.00 -25.86
CA GLN D 122 20.40 18.22 -27.33
C GLN D 122 21.08 17.09 -28.12
N GLY D 123 22.15 16.51 -27.59
CA GLY D 123 22.84 15.33 -28.14
C GLY D 123 23.95 15.70 -29.12
N THR D 124 24.94 14.83 -29.27
CA THR D 124 26.08 14.97 -30.21
C THR D 124 25.99 13.86 -31.26
N GLN D 125 26.02 14.25 -32.55
CA GLN D 125 26.01 13.33 -33.70
C GLN D 125 27.39 12.69 -33.81
N VAL D 126 27.51 11.41 -33.44
CA VAL D 126 28.75 10.62 -33.69
C VAL D 126 28.61 9.92 -35.05
N THR D 127 29.63 10.06 -35.89
CA THR D 127 29.66 9.47 -37.25
C THR D 127 30.96 8.71 -37.44
N VAL D 128 30.89 7.58 -38.13
CA VAL D 128 32.08 6.73 -38.42
C VAL D 128 32.18 6.57 -39.94
N SER D 129 33.33 7.01 -40.49
CA SER D 129 33.54 7.19 -41.95
C SER D 129 35.04 7.22 -42.25
N SER D 130 35.41 7.04 -43.52
CA SER D 130 36.79 7.15 -44.02
C SER D 130 36.84 7.96 -45.32
N SER E 1 -6.39 -37.89 27.09
CA SER E 1 -7.48 -36.93 27.42
C SER E 1 -6.88 -35.57 27.81
N VAL E 2 -7.71 -34.53 27.72
CA VAL E 2 -7.47 -33.18 28.33
C VAL E 2 -6.95 -33.32 29.76
N SER E 3 -5.95 -32.53 30.13
CA SER E 3 -5.30 -32.61 31.47
C SER E 3 -6.31 -32.26 32.57
N GLU E 4 -7.12 -31.24 32.34
CA GLU E 4 -8.10 -30.72 33.33
C GLU E 4 -9.17 -31.78 33.58
N ILE E 5 -9.66 -32.47 32.54
CA ILE E 5 -10.64 -33.59 32.68
C ILE E 5 -9.93 -34.94 32.52
N THR F 15 -15.85 -43.73 43.99
CA THR F 15 -15.68 -42.42 44.70
C THR F 15 -15.67 -42.64 46.22
N LYS F 16 -15.09 -41.69 46.96
CA LYS F 16 -15.18 -41.64 48.45
C LYS F 16 -16.66 -41.68 48.86
N GLU F 17 -17.49 -40.87 48.20
CA GLU F 17 -18.96 -40.76 48.46
C GLU F 17 -19.60 -42.16 48.38
N GLU F 18 -19.31 -42.91 47.31
CA GLU F 18 -19.86 -44.28 47.11
C GLU F 18 -19.38 -45.17 48.25
N GLN F 19 -18.10 -45.10 48.61
CA GLN F 19 -17.47 -45.98 49.64
C GLN F 19 -18.13 -45.70 51.01
N ILE F 20 -18.37 -44.42 51.33
CA ILE F 20 -19.07 -43.99 52.58
C ILE F 20 -20.49 -44.58 52.57
N PHE F 21 -21.19 -44.50 51.43
CA PHE F 21 -22.58 -45.00 51.27
C PHE F 21 -22.60 -46.52 51.57
N LEU F 22 -21.63 -47.26 51.05
CA LEU F 22 -21.55 -48.75 51.17
C LEU F 22 -21.29 -49.14 52.64
N LEU F 23 -20.44 -48.38 53.34
CA LEU F 23 -20.18 -48.60 54.78
C LEU F 23 -21.44 -48.28 55.58
N HIS F 24 -22.11 -47.16 55.26
CA HIS F 24 -23.35 -46.71 55.93
C HIS F 24 -24.42 -47.80 55.82
N ARG F 25 -24.55 -48.42 54.64
CA ARG F 25 -25.51 -49.54 54.38
C ARG F 25 -25.17 -50.70 55.31
N ALA F 26 -23.88 -51.02 55.45
CA ALA F 26 -23.37 -52.11 56.31
C ALA F 26 -23.62 -51.75 57.79
N GLN F 27 -23.48 -50.47 58.15
CA GLN F 27 -23.74 -49.96 59.54
C GLN F 27 -25.22 -50.16 59.88
N ALA F 28 -26.13 -49.76 58.98
CA ALA F 28 -27.60 -49.86 59.17
C ALA F 28 -27.99 -51.34 59.32
N GLN F 29 -27.30 -52.24 58.59
CA GLN F 29 -27.50 -53.72 58.68
C GLN F 29 -27.09 -54.20 60.07
N CYS F 30 -25.92 -53.75 60.56
CA CYS F 30 -25.40 -54.12 61.91
C CYS F 30 -26.38 -53.63 62.99
N GLU F 31 -26.90 -52.40 62.85
CA GLU F 31 -27.82 -51.77 63.84
C GLU F 31 -29.14 -52.56 63.87
N LYS F 32 -29.55 -53.14 62.74
CA LYS F 32 -30.73 -54.05 62.68
C LYS F 32 -30.42 -55.32 63.48
N ARG F 33 -29.28 -55.97 63.19
CA ARG F 33 -28.81 -57.20 63.89
C ARG F 33 -28.71 -56.94 65.40
N LEU F 34 -28.20 -55.77 65.81
CA LEU F 34 -27.98 -55.41 67.24
C LEU F 34 -29.34 -55.21 67.93
N VAL F 108 -11.20 -68.35 68.73
CA VAL F 108 -10.77 -67.31 67.75
C VAL F 108 -11.85 -67.16 66.67
N VAL F 109 -12.41 -65.95 66.52
CA VAL F 109 -13.50 -65.64 65.55
C VAL F 109 -12.86 -65.07 64.28
N ALA F 110 -13.08 -65.73 63.14
CA ALA F 110 -12.58 -65.30 61.82
C ALA F 110 -13.78 -64.85 60.96
N VAL F 111 -13.74 -63.60 60.47
CA VAL F 111 -14.77 -63.03 59.56
C VAL F 111 -14.08 -62.67 58.24
N PRO F 112 -14.61 -63.11 57.07
CA PRO F 112 -14.04 -62.71 55.78
C PRO F 112 -13.93 -61.17 55.70
N CYS F 113 -12.78 -60.66 55.25
CA CYS F 113 -12.56 -59.20 55.07
C CYS F 113 -13.72 -58.64 54.22
N PRO F 114 -14.49 -57.66 54.73
CA PRO F 114 -15.79 -57.31 54.15
C PRO F 114 -15.75 -56.83 52.69
N ASP F 115 -16.61 -57.38 51.84
CA ASP F 115 -16.70 -57.08 50.39
C ASP F 115 -16.96 -55.58 50.16
N TYR F 116 -17.72 -54.92 51.04
CA TYR F 116 -18.18 -53.51 50.91
C TYR F 116 -17.00 -52.54 51.05
N ILE F 117 -15.84 -52.99 51.55
CA ILE F 117 -14.58 -52.18 51.60
C ILE F 117 -13.77 -52.48 50.33
N TYR F 118 -13.82 -51.59 49.33
CA TYR F 118 -13.24 -51.79 47.98
C TYR F 118 -11.75 -52.17 48.08
N ASP F 119 -10.99 -51.48 48.93
CA ASP F 119 -9.50 -51.54 48.98
C ASP F 119 -9.01 -52.74 49.80
N PHE F 120 -9.90 -53.47 50.50
CA PHE F 120 -9.52 -54.61 51.37
C PHE F 120 -9.14 -55.81 50.48
N ASN F 121 -8.28 -56.69 51.00
CA ASN F 121 -8.00 -58.02 50.41
C ASN F 121 -9.16 -58.94 50.78
N HIS F 122 -9.97 -59.39 49.80
CA HIS F 122 -11.25 -60.09 50.06
C HIS F 122 -11.02 -61.62 50.17
N LYS F 123 -9.80 -62.11 49.95
CA LYS F 123 -9.44 -63.55 50.18
C LYS F 123 -8.90 -63.73 51.61
N GLY F 124 -8.86 -62.66 52.42
CA GLY F 124 -8.35 -62.67 53.80
C GLY F 124 -9.48 -62.65 54.82
N HIS F 125 -9.15 -62.86 56.09
CA HIS F 125 -10.11 -62.80 57.23
C HIS F 125 -9.60 -61.79 58.26
N ALA F 126 -10.52 -61.10 58.94
CA ALA F 126 -10.23 -60.35 60.18
C ALA F 126 -10.47 -61.30 61.36
N TYR F 127 -9.74 -61.13 62.46
CA TYR F 127 -9.79 -62.06 63.62
C TYR F 127 -10.10 -61.28 64.90
N ARG F 128 -10.98 -61.84 65.73
CA ARG F 128 -11.22 -61.42 67.14
C ARG F 128 -11.03 -62.65 68.03
N ARG F 129 -10.96 -62.46 69.34
CA ARG F 129 -10.94 -63.55 70.35
C ARG F 129 -12.19 -63.41 71.23
N CYS F 130 -12.94 -64.49 71.42
CA CYS F 130 -14.11 -64.57 72.33
C CYS F 130 -13.66 -65.20 73.65
N ASP F 131 -13.98 -64.55 74.78
CA ASP F 131 -13.64 -65.03 76.16
C ASP F 131 -14.32 -66.38 76.40
N ARG F 132 -13.87 -67.11 77.43
CA ARG F 132 -14.64 -68.25 78.01
C ARG F 132 -15.91 -67.69 78.68
N ASN F 133 -15.88 -66.40 79.05
CA ASN F 133 -16.97 -65.68 79.74
C ASN F 133 -17.97 -65.07 78.75
N GLY F 134 -17.74 -65.19 77.43
CA GLY F 134 -18.66 -64.74 76.38
C GLY F 134 -18.56 -63.24 76.13
N SER F 135 -17.41 -62.62 76.44
CA SER F 135 -17.10 -61.20 76.16
C SER F 135 -15.96 -61.16 75.14
N TRP F 136 -16.01 -60.22 74.19
CA TRP F 136 -14.91 -59.98 73.22
C TRP F 136 -13.64 -59.64 73.99
N GLU F 137 -12.51 -60.30 73.66
CA GLU F 137 -11.21 -60.16 74.36
C GLU F 137 -10.71 -58.70 74.21
N LEU F 138 -10.32 -58.08 75.32
CA LEU F 138 -9.86 -56.66 75.39
C LEU F 138 -8.34 -56.62 75.17
N VAL F 139 -7.78 -55.42 74.99
CA VAL F 139 -6.31 -55.17 74.93
C VAL F 139 -5.81 -54.90 76.34
N PRO F 140 -4.88 -55.73 76.88
CA PRO F 140 -4.33 -55.55 78.23
C PRO F 140 -4.06 -54.09 78.59
N GLY F 141 -4.68 -53.59 79.67
CA GLY F 141 -4.54 -52.20 80.15
C GLY F 141 -5.21 -51.19 79.24
N HIS F 142 -6.27 -51.60 78.52
CA HIS F 142 -7.04 -50.69 77.61
C HIS F 142 -8.53 -51.07 77.61
N ASN F 143 -9.37 -50.13 77.21
CA ASN F 143 -10.82 -50.34 76.93
C ASN F 143 -10.98 -50.86 75.49
N ARG F 144 -9.87 -50.92 74.72
CA ARG F 144 -9.85 -51.35 73.30
C ARG F 144 -10.27 -52.83 73.19
N THR F 145 -11.03 -53.17 72.16
CA THR F 145 -11.32 -54.58 71.77
C THR F 145 -10.16 -55.07 70.90
N TRP F 146 -9.56 -56.21 71.23
CA TRP F 146 -8.50 -56.86 70.40
C TRP F 146 -9.10 -57.29 69.06
N ALA F 147 -8.47 -56.91 67.94
CA ALA F 147 -8.81 -57.39 66.58
C ALA F 147 -7.55 -57.40 65.70
N ASN F 148 -7.49 -58.32 64.73
CA ASN F 148 -6.36 -58.46 63.77
C ASN F 148 -6.91 -58.35 62.34
N TYR F 149 -6.69 -57.21 61.68
CA TYR F 149 -7.16 -56.90 60.30
C TYR F 149 -5.97 -56.92 59.32
N SER F 150 -4.84 -57.52 59.70
CA SER F 150 -3.57 -57.50 58.93
C SER F 150 -3.78 -58.10 57.53
N GLU F 151 -4.58 -59.17 57.43
CA GLU F 151 -4.90 -59.87 56.15
C GLU F 151 -5.71 -58.93 55.25
N CYS F 152 -6.67 -58.19 55.82
CA CYS F 152 -7.58 -57.26 55.10
C CYS F 152 -6.78 -56.12 54.45
N VAL F 153 -5.73 -55.63 55.13
CA VAL F 153 -4.95 -54.44 54.70
C VAL F 153 -3.77 -54.85 53.81
N LYS F 154 -3.74 -56.09 53.30
CA LYS F 154 -2.61 -56.66 52.51
C LYS F 154 -2.24 -55.72 51.36
N PHE F 155 -3.23 -55.11 50.70
CA PHE F 155 -3.05 -54.28 49.48
C PHE F 155 -2.61 -52.84 49.82
N LEU F 156 -2.88 -52.34 51.04
CA LEU F 156 -2.65 -50.92 51.41
C LEU F 156 -1.15 -50.63 51.50
N ARG F 168 4.78 -27.98 43.79
CA ARG F 168 5.20 -28.94 42.73
C ARG F 168 4.33 -28.76 41.47
N LEU F 169 3.38 -29.67 41.20
CA LEU F 169 2.61 -29.68 39.92
C LEU F 169 1.63 -28.52 39.91
N GLY F 170 0.97 -28.29 41.04
CA GLY F 170 -0.04 -27.22 41.23
C GLY F 170 0.55 -25.86 40.94
N MET F 171 1.74 -25.60 41.48
CA MET F 171 2.47 -24.31 41.37
C MET F 171 2.93 -24.08 39.92
N ILE F 172 3.31 -25.14 39.19
CA ILE F 172 3.81 -25.06 37.77
C ILE F 172 2.67 -24.54 36.88
N TYR F 173 1.45 -25.08 36.99
CA TYR F 173 0.31 -24.69 36.13
C TYR F 173 -0.13 -23.26 36.46
N THR F 174 -0.06 -22.83 37.73
CA THR F 174 -0.53 -21.48 38.15
C THR F 174 0.45 -20.40 37.71
N VAL F 175 1.75 -20.56 37.99
CA VAL F 175 2.76 -19.55 37.58
C VAL F 175 2.66 -19.39 36.06
N GLY F 176 2.65 -20.51 35.34
CA GLY F 176 2.53 -20.55 33.88
C GLY F 176 1.31 -19.82 33.39
N TYR F 177 0.11 -20.26 33.78
CA TYR F 177 -1.15 -19.67 33.28
C TYR F 177 -1.16 -18.18 33.64
N SER F 178 -0.56 -17.77 34.77
CA SER F 178 -0.61 -16.36 35.24
C SER F 178 0.29 -15.45 34.40
N VAL F 179 1.50 -15.89 33.99
CA VAL F 179 2.36 -15.10 33.05
C VAL F 179 1.71 -15.08 31.66
N SER F 180 1.05 -16.19 31.28
CA SER F 180 0.18 -16.28 30.09
C SER F 180 -0.90 -15.19 30.19
N LEU F 181 -1.59 -15.15 31.34
CA LEU F 181 -2.63 -14.12 31.69
C LEU F 181 -2.04 -12.72 31.45
N ALA F 182 -0.87 -12.46 32.03
CA ALA F 182 -0.15 -11.16 31.96
C ALA F 182 -0.03 -10.76 30.49
N SER F 183 0.67 -11.59 29.70
CA SER F 183 0.97 -11.32 28.27
C SER F 183 -0.35 -11.06 27.55
N LEU F 184 -1.29 -11.99 27.63
CA LEU F 184 -2.50 -11.92 26.77
C LEU F 184 -3.29 -10.66 27.11
N THR F 185 -3.36 -10.26 28.38
CA THR F 185 -4.12 -9.05 28.81
C THR F 185 -3.48 -7.80 28.20
N VAL F 186 -2.17 -7.60 28.37
CA VAL F 186 -1.50 -6.42 27.75
C VAL F 186 -1.76 -6.45 26.24
N ALA F 187 -1.60 -7.61 25.60
CA ALA F 187 -1.72 -7.77 24.13
C ALA F 187 -3.12 -7.33 23.71
N VAL F 188 -4.17 -7.84 24.35
CA VAL F 188 -5.57 -7.54 23.93
C VAL F 188 -5.79 -6.03 24.06
N LEU F 189 -5.31 -5.42 25.15
CA LEU F 189 -5.57 -3.98 25.43
C LEU F 189 -4.83 -3.11 24.41
N ILE F 190 -3.58 -3.42 24.08
CA ILE F 190 -2.80 -2.61 23.08
C ILE F 190 -3.50 -2.74 21.73
N LEU F 191 -3.86 -3.96 21.34
CA LEU F 191 -4.60 -4.21 20.07
C LEU F 191 -5.83 -3.31 20.01
N ALA F 192 -6.57 -3.17 21.12
CA ALA F 192 -7.87 -2.48 21.20
C ALA F 192 -7.73 -1.00 20.83
N TYR F 193 -6.78 -0.29 21.43
CA TYR F 193 -6.74 1.20 21.34
C TYR F 193 -5.95 1.62 20.09
N PHE F 194 -6.01 0.81 19.03
CA PHE F 194 -5.27 1.01 17.76
C PHE F 194 -6.22 0.74 16.60
N ARG F 195 -6.67 1.83 15.98
CA ARG F 195 -7.67 1.84 14.87
C ARG F 195 -7.01 1.38 13.57
N ARG F 196 -5.69 1.47 13.46
CA ARG F 196 -4.95 1.15 12.21
C ARG F 196 -5.00 -0.36 11.97
N LEU F 197 -4.87 -1.19 13.02
CA LEU F 197 -4.94 -2.68 12.91
C LEU F 197 -6.23 -3.20 13.56
N HIS F 198 -7.34 -3.04 12.86
CA HIS F 198 -8.68 -3.51 13.27
C HIS F 198 -9.28 -4.34 12.14
N CYS F 199 -8.43 -5.07 11.42
CA CYS F 199 -8.88 -5.97 10.33
C CYS F 199 -9.54 -7.20 10.94
N THR F 200 -10.41 -7.87 10.20
CA THR F 200 -11.01 -9.19 10.53
C THR F 200 -9.92 -10.24 10.86
N ARG F 201 -8.70 -10.07 10.35
CA ARG F 201 -7.53 -10.97 10.63
C ARG F 201 -7.19 -10.89 12.11
N ASN F 202 -7.13 -9.67 12.64
CA ASN F 202 -6.65 -9.34 14.00
C ASN F 202 -7.84 -9.38 14.97
N TYR F 203 -9.05 -9.38 14.42
CA TYR F 203 -10.30 -9.45 15.22
C TYR F 203 -10.40 -10.82 15.87
N ILE F 204 -10.11 -11.88 15.10
CA ILE F 204 -10.17 -13.30 15.57
C ILE F 204 -9.11 -13.49 16.67
N HIS F 205 -7.89 -12.98 16.49
CA HIS F 205 -6.80 -13.01 17.51
C HIS F 205 -7.23 -12.32 18.81
N MET F 206 -7.99 -11.23 18.73
CA MET F 206 -8.51 -10.54 19.94
C MET F 206 -9.44 -11.47 20.71
N HIS F 207 -10.33 -12.21 20.01
CA HIS F 207 -11.21 -13.24 20.62
C HIS F 207 -10.36 -14.41 21.11
N LEU F 208 -9.30 -14.79 20.37
CA LEU F 208 -8.43 -15.90 20.79
C LEU F 208 -7.71 -15.53 22.07
N PHE F 209 -7.21 -14.31 22.16
CA PHE F 209 -6.50 -13.81 23.36
C PHE F 209 -7.45 -13.77 24.56
N LEU F 210 -8.64 -13.23 24.35
CA LEU F 210 -9.67 -13.13 25.41
C LEU F 210 -10.03 -14.53 25.91
N SER F 211 -10.03 -15.55 25.04
CA SER F 211 -10.42 -16.94 25.40
C SER F 211 -9.32 -17.59 26.24
N PHE F 212 -8.06 -17.28 25.97
CA PHE F 212 -6.93 -17.91 26.68
C PHE F 212 -6.94 -17.53 28.16
N MET F 213 -6.97 -16.24 28.48
CA MET F 213 -6.97 -15.73 29.88
C MET F 213 -8.28 -16.11 30.57
N LEU F 214 -9.40 -16.05 29.87
CA LEU F 214 -10.74 -16.29 30.47
C LEU F 214 -10.90 -17.75 30.87
N ARG F 215 -10.36 -18.68 30.08
CA ARG F 215 -10.19 -20.09 30.51
C ARG F 215 -9.17 -20.21 31.64
N ALA F 216 -8.00 -19.57 31.50
CA ALA F 216 -6.91 -19.62 32.50
C ALA F 216 -7.46 -19.13 33.84
N VAL F 217 -8.18 -18.00 33.83
CA VAL F 217 -8.82 -17.39 35.03
C VAL F 217 -9.87 -18.37 35.58
N SER F 218 -10.66 -19.02 34.73
CA SER F 218 -11.71 -19.98 35.17
C SER F 218 -11.06 -21.19 35.90
N ILE F 219 -9.93 -21.68 35.39
CA ILE F 219 -9.12 -22.74 36.08
C ILE F 219 -8.49 -22.11 37.34
N PHE F 220 -7.96 -20.91 37.22
CA PHE F 220 -7.24 -20.23 38.32
C PHE F 220 -8.20 -19.90 39.46
N VAL F 221 -9.42 -19.45 39.14
CA VAL F 221 -10.54 -19.28 40.12
C VAL F 221 -10.90 -20.63 40.74
N LYS F 222 -11.02 -21.69 39.94
CA LYS F 222 -11.30 -23.07 40.43
C LYS F 222 -10.19 -23.49 41.41
N ASP F 223 -8.92 -23.25 41.07
CA ASP F 223 -7.75 -23.65 41.90
C ASP F 223 -7.72 -22.81 43.18
N ALA F 261 -23.51 -27.28 43.94
CA ALA F 261 -24.17 -26.04 43.46
C ALA F 261 -23.24 -24.83 43.60
N GLY F 262 -22.75 -24.56 44.81
CA GLY F 262 -21.85 -23.43 45.09
C GLY F 262 -20.49 -23.63 44.45
N CYS F 263 -20.02 -24.88 44.35
CA CYS F 263 -18.71 -25.26 43.77
C CYS F 263 -18.88 -25.68 42.31
N ARG F 264 -20.12 -25.91 41.83
CA ARG F 264 -20.37 -26.24 40.40
C ARG F 264 -20.02 -25.05 39.49
N VAL F 265 -19.95 -23.84 40.03
CA VAL F 265 -19.39 -22.65 39.33
C VAL F 265 -17.89 -22.82 39.03
N ALA F 266 -17.20 -23.80 39.62
CA ALA F 266 -15.80 -24.14 39.27
C ALA F 266 -15.69 -25.62 38.89
N VAL F 267 -16.78 -26.26 38.50
CA VAL F 267 -16.81 -27.69 38.07
C VAL F 267 -17.35 -27.75 36.64
N THR F 268 -18.48 -27.07 36.38
CA THR F 268 -19.21 -27.11 35.10
C THR F 268 -19.18 -25.74 34.42
N PHE F 269 -18.50 -24.76 35.02
CA PHE F 269 -18.26 -23.46 34.37
C PHE F 269 -16.90 -23.47 33.71
N PHE F 270 -15.84 -24.00 34.35
CA PHE F 270 -14.52 -24.08 33.70
C PHE F 270 -14.60 -25.04 32.52
N LEU F 271 -15.37 -26.13 32.65
CA LEU F 271 -15.51 -27.14 31.59
C LEU F 271 -16.04 -26.51 30.29
N TYR F 272 -17.00 -25.60 30.42
CA TYR F 272 -17.46 -24.74 29.32
C TYR F 272 -16.32 -23.85 28.81
N PHE F 273 -15.53 -23.26 29.72
CA PHE F 273 -14.46 -22.31 29.32
C PHE F 273 -13.19 -23.02 28.89
N LEU F 274 -13.08 -24.31 29.16
CA LEU F 274 -12.02 -25.13 28.51
C LEU F 274 -12.44 -25.47 27.08
N ALA F 275 -13.64 -26.01 26.89
CA ALA F 275 -14.13 -26.47 25.56
C ALA F 275 -14.17 -25.29 24.58
N THR F 276 -14.54 -24.11 25.08
CA THR F 276 -14.66 -22.87 24.27
C THR F 276 -13.30 -22.43 23.73
N ASN F 277 -12.28 -22.44 24.58
CA ASN F 277 -10.88 -22.10 24.16
C ASN F 277 -10.41 -23.14 23.14
N TYR F 278 -10.71 -24.41 23.33
CA TYR F 278 -10.32 -25.50 22.40
C TYR F 278 -11.05 -25.35 21.07
N TYR F 279 -12.29 -24.83 21.07
CA TYR F 279 -13.03 -24.55 19.82
C TYR F 279 -12.56 -23.23 19.21
N TRP F 280 -12.16 -22.28 20.04
CA TRP F 280 -11.64 -21.00 19.55
C TRP F 280 -10.24 -21.16 18.94
N ILE F 281 -9.51 -22.23 19.28
CA ILE F 281 -8.26 -22.65 18.59
C ILE F 281 -8.64 -23.21 17.23
N LEU F 282 -9.69 -24.04 17.16
CA LEU F 282 -10.14 -24.69 15.91
C LEU F 282 -10.56 -23.60 14.93
N VAL F 283 -11.39 -22.67 15.40
CA VAL F 283 -12.00 -21.60 14.55
C VAL F 283 -10.89 -20.70 14.03
N GLU F 284 -9.93 -20.34 14.86
CA GLU F 284 -8.80 -19.49 14.45
C GLU F 284 -7.94 -20.22 13.41
N GLY F 285 -7.65 -21.49 13.61
CA GLY F 285 -7.04 -22.33 12.56
C GLY F 285 -7.94 -22.47 11.34
N LEU F 286 -9.25 -22.64 11.52
CA LEU F 286 -10.24 -22.76 10.41
C LEU F 286 -10.25 -21.45 9.62
N TYR F 287 -9.96 -20.32 10.26
CA TYR F 287 -9.88 -19.00 9.59
C TYR F 287 -8.74 -18.99 8.57
N LEU F 288 -7.55 -19.45 8.94
CA LEU F 288 -6.37 -19.45 8.03
C LEU F 288 -6.49 -20.59 7.02
N HIS F 289 -7.33 -21.60 7.25
CA HIS F 289 -7.68 -22.62 6.23
C HIS F 289 -8.79 -22.12 5.33
N SER F 290 -9.64 -21.21 5.79
CA SER F 290 -10.67 -20.58 4.95
C SER F 290 -10.04 -19.65 3.89
N LEU F 291 -8.91 -19.01 4.21
CA LEU F 291 -8.23 -18.05 3.31
C LEU F 291 -7.34 -18.76 2.29
N ILE F 292 -7.19 -20.09 2.36
CA ILE F 292 -6.25 -20.84 1.49
C ILE F 292 -7.03 -21.85 0.67
N PHE F 293 -7.69 -22.81 1.31
CA PHE F 293 -8.40 -23.91 0.62
C PHE F 293 -9.62 -23.37 -0.13
N MET F 294 -10.26 -22.30 0.37
CA MET F 294 -11.41 -21.65 -0.30
C MET F 294 -10.95 -20.52 -1.22
N ALA F 295 -9.72 -20.56 -1.74
CA ALA F 295 -9.19 -19.68 -2.80
C ALA F 295 -9.17 -18.23 -2.29
N PHE F 296 -9.85 -17.30 -2.98
CA PHE F 296 -10.04 -15.89 -2.57
C PHE F 296 -10.68 -15.80 -1.16
N PHE F 297 -11.85 -16.42 -0.95
CA PHE F 297 -12.72 -16.34 0.26
C PHE F 297 -13.12 -14.89 0.60
N SER F 298 -14.28 -14.74 1.23
CA SER F 298 -14.83 -13.47 1.75
C SER F 298 -14.86 -13.50 3.28
N GLU F 299 -13.80 -13.00 3.90
CA GLU F 299 -13.50 -13.11 5.35
C GLU F 299 -14.60 -12.40 6.15
N LYS F 300 -14.94 -11.18 5.75
CA LYS F 300 -15.90 -10.31 6.47
C LYS F 300 -17.34 -10.76 6.20
N LYS F 301 -17.59 -11.47 5.10
CA LYS F 301 -18.94 -11.99 4.71
C LYS F 301 -19.38 -13.13 5.63
N TYR F 302 -18.44 -13.71 6.40
CA TYR F 302 -18.71 -14.86 7.28
C TYR F 302 -17.88 -14.69 8.55
N LEU F 303 -18.29 -13.80 9.44
CA LEU F 303 -17.56 -13.47 10.68
C LEU F 303 -18.43 -13.71 11.90
N TRP F 304 -19.73 -13.41 11.80
CA TRP F 304 -20.75 -13.80 12.80
C TRP F 304 -20.73 -15.32 13.05
N GLY F 305 -20.66 -16.13 11.98
CA GLY F 305 -20.78 -17.59 12.09
C GLY F 305 -19.61 -18.19 12.88
N PHE F 306 -18.41 -17.62 12.75
CA PHE F 306 -17.22 -18.03 13.54
C PHE F 306 -17.43 -17.80 15.04
N THR F 307 -18.00 -16.68 15.45
CA THR F 307 -18.22 -16.36 16.89
C THR F 307 -19.18 -17.40 17.48
N VAL F 308 -20.30 -17.64 16.81
CA VAL F 308 -21.31 -18.62 17.30
C VAL F 308 -20.75 -20.05 17.22
N PHE F 309 -20.02 -20.38 16.17
CA PHE F 309 -19.31 -21.70 16.07
C PHE F 309 -18.29 -21.86 17.19
N GLY F 310 -17.71 -20.78 17.72
CA GLY F 310 -16.71 -20.88 18.81
C GLY F 310 -17.38 -20.64 20.14
N TRP F 311 -17.46 -19.39 20.60
CA TRP F 311 -18.04 -19.07 21.93
C TRP F 311 -19.32 -19.82 22.21
N GLY F 312 -20.22 -19.90 21.23
CA GLY F 312 -21.59 -20.37 21.48
C GLY F 312 -21.77 -21.83 21.18
N LEU F 313 -20.78 -22.50 20.60
CA LEU F 313 -21.04 -23.89 20.17
C LEU F 313 -20.89 -24.84 21.36
N PRO F 314 -19.88 -24.75 22.24
CA PRO F 314 -19.80 -25.64 23.39
C PRO F 314 -21.07 -25.72 24.27
N ALA F 315 -21.96 -24.73 24.18
CA ALA F 315 -23.32 -24.76 24.78
C ALA F 315 -24.14 -25.93 24.24
N VAL F 316 -23.84 -26.45 23.05
CA VAL F 316 -24.61 -27.57 22.45
C VAL F 316 -24.39 -28.85 23.26
N PHE F 317 -23.23 -29.04 23.91
CA PHE F 317 -22.89 -30.33 24.58
C PHE F 317 -22.62 -30.12 26.07
N VAL F 318 -22.05 -28.98 26.48
CA VAL F 318 -21.87 -28.64 27.94
C VAL F 318 -23.24 -28.56 28.59
N ALA F 319 -24.17 -27.84 27.97
CA ALA F 319 -25.55 -27.69 28.48
C ALA F 319 -26.28 -29.04 28.41
N VAL F 320 -26.00 -29.88 27.41
CA VAL F 320 -26.63 -31.23 27.33
C VAL F 320 -26.11 -32.07 28.49
N TRP F 321 -24.79 -32.07 28.67
CA TRP F 321 -24.10 -32.86 29.73
C TRP F 321 -24.59 -32.40 31.10
N VAL F 322 -24.61 -31.08 31.32
CA VAL F 322 -24.93 -30.49 32.63
C VAL F 322 -26.40 -30.78 32.95
N SER F 323 -27.29 -30.86 31.95
CA SER F 323 -28.70 -31.31 32.11
C SER F 323 -28.73 -32.75 32.60
N VAL F 324 -27.90 -33.61 31.99
CA VAL F 324 -27.81 -35.06 32.34
C VAL F 324 -27.25 -35.18 33.76
N ARG F 325 -26.22 -34.41 34.08
CA ARG F 325 -25.54 -34.54 35.39
C ARG F 325 -26.31 -33.80 36.48
N ALA F 326 -27.25 -32.90 36.17
CA ALA F 326 -28.01 -32.12 37.18
C ALA F 326 -29.43 -32.65 37.34
N THR F 327 -29.97 -33.36 36.34
CA THR F 327 -31.36 -33.90 36.38
C THR F 327 -31.34 -35.43 36.26
N LEU F 328 -30.66 -35.95 35.25
CA LEU F 328 -30.76 -37.39 34.90
C LEU F 328 -29.99 -38.22 35.94
N ALA F 329 -28.80 -37.77 36.35
CA ALA F 329 -27.94 -38.43 37.37
C ALA F 329 -27.12 -37.37 38.10
N ASN F 330 -27.53 -36.96 39.30
CA ASN F 330 -27.02 -35.76 40.01
C ASN F 330 -25.60 -36.03 40.53
N GLY F 339 -17.60 -46.21 30.07
CA GLY F 339 -18.24 -45.27 31.01
C GLY F 339 -18.50 -43.90 30.40
N ASN F 340 -19.77 -43.48 30.37
CA ASN F 340 -20.21 -42.23 29.71
C ASN F 340 -20.28 -41.12 30.77
N LYS F 341 -19.28 -41.01 31.64
CA LYS F 341 -19.31 -39.97 32.70
C LYS F 341 -18.77 -38.69 32.08
N LYS F 342 -17.58 -38.75 31.47
CA LYS F 342 -16.86 -37.58 30.90
C LYS F 342 -16.82 -37.64 29.38
N TRP F 343 -17.43 -38.65 28.75
CA TRP F 343 -17.39 -38.88 27.29
C TRP F 343 -18.24 -37.83 26.58
N ILE F 344 -19.24 -37.24 27.24
CA ILE F 344 -20.22 -36.33 26.56
C ILE F 344 -19.53 -35.01 26.23
N ILE F 345 -18.62 -34.57 27.08
CA ILE F 345 -17.87 -33.30 26.90
C ILE F 345 -16.58 -33.54 26.10
N GLN F 346 -15.82 -34.57 26.44
CA GLN F 346 -14.45 -34.82 25.94
C GLN F 346 -14.50 -35.08 24.43
N VAL F 347 -15.44 -35.90 23.94
CA VAL F 347 -15.44 -36.38 22.52
C VAL F 347 -15.61 -35.19 21.58
N PRO F 348 -16.58 -34.26 21.81
CA PRO F 348 -16.58 -32.98 21.11
C PRO F 348 -15.29 -32.14 21.17
N ILE F 349 -14.59 -32.13 22.31
CA ILE F 349 -13.26 -31.47 22.41
C ILE F 349 -12.24 -32.27 21.60
N LEU F 350 -12.30 -33.60 21.62
CA LEU F 350 -11.35 -34.46 20.86
C LEU F 350 -11.56 -34.25 19.37
N ALA F 351 -12.79 -33.98 18.93
CA ALA F 351 -13.10 -33.66 17.52
C ALA F 351 -12.43 -32.34 17.11
N SER F 352 -12.25 -31.40 18.04
CA SER F 352 -11.62 -30.08 17.76
C SER F 352 -10.17 -30.29 17.37
N ILE F 353 -9.41 -30.97 18.21
CA ILE F 353 -7.94 -31.02 18.09
C ILE F 353 -7.59 -31.85 16.86
N VAL F 354 -8.28 -32.97 16.64
CA VAL F 354 -7.95 -33.92 15.53
C VAL F 354 -8.24 -33.22 14.20
N LEU F 355 -9.32 -32.44 14.11
CA LEU F 355 -9.69 -31.69 12.89
C LEU F 355 -8.67 -30.58 12.66
N ASN F 356 -8.34 -29.82 13.70
CA ASN F 356 -7.37 -28.70 13.57
C ASN F 356 -5.99 -29.26 13.21
N PHE F 357 -5.60 -30.43 13.74
CA PHE F 357 -4.32 -31.11 13.39
C PHE F 357 -4.30 -31.53 11.91
N ILE F 358 -5.38 -32.11 11.40
CA ILE F 358 -5.58 -32.40 9.95
C ILE F 358 -5.40 -31.10 9.18
N LEU F 359 -6.02 -30.05 9.67
CA LEU F 359 -6.02 -28.69 9.07
C LEU F 359 -4.61 -28.11 9.16
N PHE F 360 -3.81 -28.49 10.15
CA PHE F 360 -2.42 -28.00 10.30
C PHE F 360 -1.56 -28.56 9.19
N ILE F 361 -1.80 -29.80 8.80
CA ILE F 361 -1.04 -30.46 7.70
C ILE F 361 -1.37 -29.73 6.39
N ASN F 362 -2.65 -29.42 6.14
CA ASN F 362 -3.10 -28.74 4.90
C ASN F 362 -2.59 -27.31 4.80
N ILE F 363 -2.19 -26.65 5.89
CA ILE F 363 -1.60 -25.27 5.83
C ILE F 363 -0.09 -25.37 5.63
N VAL F 364 0.58 -26.24 6.37
CA VAL F 364 2.05 -26.39 6.25
C VAL F 364 2.37 -26.96 4.87
N ARG F 365 1.54 -27.87 4.36
CA ARG F 365 1.74 -28.50 3.03
C ARG F 365 1.63 -27.41 1.96
N VAL F 366 0.59 -26.58 2.03
CA VAL F 366 0.36 -25.47 1.06
C VAL F 366 1.52 -24.49 1.18
N LEU F 367 1.92 -24.13 2.39
CA LEU F 367 3.02 -23.15 2.59
C LEU F 367 4.34 -23.73 2.04
N ALA F 368 4.54 -25.05 2.14
CA ALA F 368 5.78 -25.73 1.68
C ALA F 368 5.83 -25.70 0.16
N THR F 369 4.75 -26.12 -0.51
CA THR F 369 4.66 -26.14 -2.00
C THR F 369 4.82 -24.72 -2.55
N LYS F 370 4.22 -23.72 -1.92
CA LYS F 370 4.24 -22.33 -2.43
C LYS F 370 5.64 -21.76 -2.32
N LEU F 371 6.35 -22.09 -1.25
CA LEU F 371 7.72 -21.62 -1.05
C LEU F 371 8.66 -22.29 -2.06
N ARG F 372 8.33 -23.50 -2.55
CA ARG F 372 9.14 -24.25 -3.55
C ARG F 372 8.94 -23.70 -4.96
N GLU F 373 7.82 -23.03 -5.25
CA GLU F 373 7.48 -22.51 -6.61
C GLU F 373 7.55 -20.97 -6.61
N THR F 374 8.54 -20.41 -5.91
CA THR F 374 8.85 -18.96 -5.89
C THR F 374 9.56 -18.55 -7.19
N ASP F 380 16.37 -18.89 -2.87
CA ASP F 380 17.13 -20.16 -2.84
C ASP F 380 16.34 -21.26 -2.14
N THR F 381 16.34 -22.47 -2.71
CA THR F 381 15.61 -23.66 -2.20
C THR F 381 16.09 -24.04 -0.79
N ARG F 382 17.41 -24.12 -0.60
CA ARG F 382 18.03 -24.50 0.69
C ARG F 382 17.63 -23.46 1.76
N GLN F 383 17.73 -22.17 1.41
CA GLN F 383 17.49 -21.06 2.36
C GLN F 383 16.00 -20.95 2.68
N GLN F 384 15.14 -21.14 1.68
CA GLN F 384 13.68 -21.12 1.90
C GLN F 384 13.24 -22.40 2.64
N TYR F 385 13.98 -23.52 2.58
CA TYR F 385 13.70 -24.76 3.37
C TYR F 385 13.93 -24.51 4.87
N ARG F 386 14.88 -23.62 5.19
CA ARG F 386 15.11 -23.07 6.56
C ARG F 386 13.94 -22.16 6.97
N LYS F 387 13.40 -21.38 6.04
CA LYS F 387 12.22 -20.50 6.28
C LYS F 387 11.00 -21.36 6.61
N LEU F 388 10.88 -22.56 6.05
CA LEU F 388 9.76 -23.49 6.33
C LEU F 388 9.78 -23.83 7.81
N LEU F 389 10.95 -24.13 8.35
CA LEU F 389 11.12 -24.51 9.77
C LEU F 389 10.61 -23.36 10.65
N LYS F 390 11.02 -22.12 10.38
CA LYS F 390 10.66 -20.93 11.19
C LYS F 390 9.16 -20.67 11.08
N SER F 391 8.65 -20.70 9.85
CA SER F 391 7.23 -20.37 9.55
C SER F 391 6.30 -21.43 10.15
N THR F 392 6.69 -22.70 10.09
CA THR F 392 5.91 -23.82 10.68
C THR F 392 6.00 -23.78 12.21
N LEU F 393 7.18 -23.56 12.78
CA LEU F 393 7.37 -23.53 14.25
C LEU F 393 6.57 -22.37 14.86
N VAL F 394 6.56 -21.20 14.21
CA VAL F 394 5.82 -20.00 14.70
C VAL F 394 4.30 -20.23 14.62
N LEU F 395 3.84 -21.19 13.80
CA LEU F 395 2.41 -21.57 13.67
C LEU F 395 1.98 -22.60 14.73
N MET F 396 2.92 -23.28 15.39
CA MET F 396 2.63 -24.42 16.31
C MET F 396 1.82 -23.94 17.51
N PRO F 397 2.19 -22.83 18.20
CA PRO F 397 1.42 -22.31 19.33
C PRO F 397 -0.02 -21.97 18.92
N LEU F 398 -0.21 -21.45 17.71
CA LEU F 398 -1.51 -20.92 17.24
C LEU F 398 -2.54 -22.06 17.16
N PHE F 399 -2.14 -23.20 16.57
CA PHE F 399 -3.05 -24.32 16.27
C PHE F 399 -3.15 -25.29 17.45
N GLY F 400 -2.37 -25.11 18.51
CA GLY F 400 -2.41 -26.02 19.68
C GLY F 400 -2.07 -27.44 19.27
N VAL F 401 -1.02 -27.58 18.47
CA VAL F 401 -0.67 -28.86 17.80
C VAL F 401 -0.12 -29.80 18.87
N HIS F 402 0.47 -29.26 19.95
CA HIS F 402 1.03 -30.05 21.08
C HIS F 402 -0.07 -30.87 21.78
N TYR F 403 -1.35 -30.51 21.65
CA TYR F 403 -2.49 -31.15 22.36
C TYR F 403 -2.85 -32.50 21.71
N ILE F 404 -2.30 -32.87 20.54
CA ILE F 404 -2.70 -34.09 19.78
C ILE F 404 -1.95 -35.32 20.30
N VAL F 405 -0.74 -35.16 20.84
CA VAL F 405 0.14 -36.31 21.20
C VAL F 405 -0.41 -37.07 22.42
N PHE F 406 -1.32 -36.48 23.20
CA PHE F 406 -1.90 -37.07 24.43
C PHE F 406 -3.43 -37.13 24.27
N MET F 407 -3.91 -37.40 23.06
CA MET F 407 -5.35 -37.32 22.71
C MET F 407 -6.08 -38.53 23.32
N ALA F 408 -5.49 -39.74 23.27
CA ALA F 408 -6.08 -40.98 23.80
C ALA F 408 -5.20 -41.57 24.92
N THR F 409 -4.83 -40.72 25.89
CA THR F 409 -4.30 -41.09 27.22
C THR F 409 -5.46 -41.09 28.22
N PRO F 410 -6.07 -42.25 28.54
CA PRO F 410 -7.02 -42.35 29.64
C PRO F 410 -6.32 -42.42 31.00
N TYR F 411 -6.64 -41.47 31.89
CA TYR F 411 -6.26 -41.51 33.32
C TYR F 411 -7.24 -40.65 34.10
N THR F 412 -7.29 -40.87 35.42
CA THR F 412 -7.72 -39.89 36.45
C THR F 412 -6.74 -39.91 37.63
N GLU F 413 -6.45 -38.74 38.21
CA GLU F 413 -5.59 -38.58 39.41
C GLU F 413 -4.19 -39.14 39.14
N VAL F 414 -3.46 -38.57 38.19
CA VAL F 414 -1.98 -38.77 38.05
C VAL F 414 -1.30 -38.04 39.23
N HIS F 424 3.56 -33.54 34.06
CA HIS F 424 3.34 -33.74 32.60
C HIS F 424 3.63 -32.45 31.84
N TYR F 425 3.95 -32.58 30.56
CA TYR F 425 4.01 -31.42 29.63
C TYR F 425 2.60 -30.95 29.30
N GLU F 426 1.55 -31.70 29.59
CA GLU F 426 0.20 -31.09 29.50
C GLU F 426 0.25 -29.77 30.27
N MET F 427 0.69 -29.80 31.53
CA MET F 427 0.85 -28.57 32.35
C MET F 427 1.98 -27.74 31.76
N LEU F 428 3.13 -28.34 31.42
CA LEU F 428 4.32 -27.57 31.01
C LEU F 428 4.07 -26.82 29.67
N PHE F 429 3.15 -27.29 28.83
CA PHE F 429 2.86 -26.70 27.49
C PHE F 429 1.65 -25.75 27.59
N ASN F 430 0.57 -26.16 28.27
CA ASN F 430 -0.64 -25.30 28.38
C ASN F 430 -0.27 -24.02 29.13
N SER F 431 0.61 -24.15 30.13
CA SER F 431 1.28 -22.99 30.80
C SER F 431 1.72 -21.94 29.79
N PHE F 432 2.02 -22.30 28.55
CA PHE F 432 2.72 -21.34 27.67
C PHE F 432 2.01 -21.19 26.32
N GLN F 433 1.15 -22.13 25.92
CA GLN F 433 0.29 -21.97 24.72
C GLN F 433 -0.19 -20.53 24.71
N GLY F 434 -0.78 -20.08 25.83
CA GLY F 434 -1.13 -18.67 26.03
C GLY F 434 0.07 -17.74 25.89
N PHE F 435 1.09 -17.90 26.72
CA PHE F 435 2.20 -16.93 26.71
C PHE F 435 2.68 -16.78 25.27
N PHE F 436 2.78 -17.93 24.59
CA PHE F 436 3.41 -18.05 23.25
C PHE F 436 2.55 -17.28 22.24
N VAL F 437 1.25 -17.55 22.19
CA VAL F 437 0.36 -16.94 21.16
C VAL F 437 0.35 -15.41 21.35
N ALA F 438 0.77 -14.84 22.47
CA ALA F 438 0.84 -13.37 22.64
C ALA F 438 2.22 -12.84 22.27
N ILE F 439 3.27 -13.61 22.48
CA ILE F 439 4.65 -13.14 22.22
C ILE F 439 4.96 -13.28 20.73
N ILE F 440 4.07 -13.93 19.95
CA ILE F 440 4.33 -14.27 18.52
C ILE F 440 3.42 -13.42 17.64
N TYR F 441 2.13 -13.38 17.97
CA TYR F 441 1.09 -12.85 17.05
C TYR F 441 0.82 -11.39 17.32
N CYS F 442 1.10 -10.89 18.52
CA CYS F 442 0.77 -9.49 18.92
C CYS F 442 1.94 -8.77 19.60
N PHE F 443 3.13 -9.37 19.76
CA PHE F 443 4.29 -8.67 20.40
C PHE F 443 5.45 -8.56 19.40
N CYS F 444 5.89 -9.68 18.84
CA CYS F 444 7.00 -9.75 17.85
C CYS F 444 6.49 -9.50 16.43
N ASN F 445 5.21 -9.19 16.21
CA ASN F 445 4.66 -8.93 14.86
C ASN F 445 5.23 -7.61 14.33
N GLY F 446 5.61 -7.58 13.04
CA GLY F 446 6.20 -6.42 12.34
C GLY F 446 5.29 -5.19 12.42
N GLU F 447 4.00 -5.39 12.14
CA GLU F 447 2.94 -4.35 12.07
C GLU F 447 2.74 -3.77 13.47
N VAL F 448 2.71 -4.63 14.50
CA VAL F 448 2.43 -4.18 15.89
C VAL F 448 3.62 -3.34 16.37
N GLN F 449 4.85 -3.81 16.13
CA GLN F 449 6.09 -3.10 16.51
C GLN F 449 6.12 -1.77 15.79
N ALA F 450 5.72 -1.74 14.52
CA ALA F 450 5.60 -0.51 13.70
C ALA F 450 4.63 0.47 14.36
N GLU F 451 3.44 -0.03 14.73
CA GLU F 451 2.30 0.79 15.20
C GLU F 451 2.65 1.47 16.51
N ILE F 452 3.32 0.79 17.43
CA ILE F 452 3.70 1.35 18.75
C ILE F 452 4.78 2.43 18.57
N LYS F 453 5.66 2.26 17.58
CA LYS F 453 6.84 3.13 17.36
C LYS F 453 6.36 4.51 16.92
N LYS F 454 5.50 4.54 15.90
CA LYS F 454 4.83 5.74 15.35
C LYS F 454 3.97 6.38 16.44
N SER F 455 3.16 5.56 17.11
CA SER F 455 2.24 6.01 18.19
C SER F 455 3.05 6.66 19.33
N TRP F 456 4.23 6.11 19.65
CA TRP F 456 5.19 6.69 20.63
C TRP F 456 5.63 8.08 20.16
N SER F 457 6.06 8.18 18.90
CA SER F 457 6.68 9.40 18.34
C SER F 457 5.59 10.46 18.07
N ARG F 458 4.36 10.05 17.73
CA ARG F 458 3.25 10.96 17.36
C ARG F 458 2.90 11.87 18.55
N TRP F 459 2.75 11.30 19.74
CA TRP F 459 2.25 12.02 20.94
C TRP F 459 3.40 12.81 21.57
#